data_1BZL
#
_entry.id   1BZL
#
_cell.length_a   93.330
_cell.length_b   93.330
_cell.length_c   157.140
_cell.angle_alpha   90.00
_cell.angle_beta   90.00
_cell.angle_gamma   90.00
#
_symmetry.space_group_name_H-M   'P 43'
#
loop_
_entity.id
_entity.type
_entity.pdbx_description
1 polymer 'TRYPANOTHIONE REDUCTASE (OXIDIZED FORM)'
2 non-polymer 'FLAVIN-ADENINE DINUCLEOTIDE'
3 non-polymer BIS(GAMMA-GLUTAMYL-CYSTEINYL-GLYCINYL)SPERMIDINE
4 water water
#
_entity_poly.entity_id   1
_entity_poly.type   'polypeptide(L)'
_entity_poly.pdbx_seq_one_letter_code
;MSKIFDLVVIGAGSGGLEAAWNAATLYKKRVAVIDVQMVHGPPFFSALGGTCVNVGCVPKKLMVTGAQYMEHLRESAGFG
WEFDRTTLRAEWKNLIAVKDEAVLNINKSYDEMFRDTEGLEFFLGWGSLESKNVVNVRESADPASAVKERLETEHILLAS
GSWPHMPNIPGIEHCISSNEAFYLPEPPRRVLTVGGGFISVEFAGIFNAYKPKDGQVTLCYRGEMILRGFDHTLREELTK
QLTANGIQILTKENPAKVELNADGSKSVTFESGKKMDFDLVMMAIGRSPRTKDLQLQNAGVMIKNGGVQVDEYSRTNVSN
IYAIGDVTNRVMLTPVAINEAAALVDTVFGTTPRKTDHTRVASAVFSIPPIGTCGLIEEVASKRYEVVAVYLSSFTPLMH
KVSGSKYKTFVAKIITNHSDGTVLGVHLLGDNAPEIIQGIGICLKLNAKISDFYNTIGVHPTSAEELCSMRTPSYYYVKG
EKMEKP
;
_entity_poly.pdbx_strand_id   A,B
#
loop_
_chem_comp.id
_chem_comp.type
_chem_comp.name
_chem_comp.formula
FAD non-polymer 'FLAVIN-ADENINE DINUCLEOTIDE' 'C27 H33 N9 O15 P2'
GCG non-polymer BIS(GAMMA-GLUTAMYL-CYSTEINYL-GLYCINYL)SPERMIDINE 'C27 H49 N9 O10 S2'
#
# COMPACT_ATOMS: atom_id res chain seq x y z
N MET A 1 -7.37 42.73 -24.84
CA MET A 1 -6.93 43.49 -26.05
C MET A 1 -7.66 42.80 -27.19
N SER A 2 -7.24 43.04 -28.44
CA SER A 2 -7.89 42.40 -29.58
C SER A 2 -7.61 40.90 -29.48
N LYS A 3 -8.66 40.07 -29.75
CA LYS A 3 -8.85 38.61 -29.76
C LYS A 3 -9.71 38.29 -28.54
N ILE A 4 -10.94 37.81 -28.79
CA ILE A 4 -11.90 37.47 -27.73
C ILE A 4 -11.39 36.57 -26.60
N PHE A 5 -10.70 35.47 -26.93
CA PHE A 5 -10.23 34.63 -25.82
C PHE A 5 -8.75 34.80 -25.52
N ASP A 6 -8.38 34.56 -24.27
CA ASP A 6 -6.99 34.66 -23.86
C ASP A 6 -6.26 33.35 -24.14
N LEU A 7 -7.00 32.25 -24.02
CA LEU A 7 -6.50 30.91 -24.24
C LEU A 7 -7.59 30.03 -24.81
N VAL A 8 -7.24 29.17 -25.75
CA VAL A 8 -8.13 28.22 -26.40
C VAL A 8 -7.46 26.85 -26.23
N VAL A 9 -8.12 25.97 -25.48
CA VAL A 9 -7.62 24.63 -25.22
C VAL A 9 -8.34 23.62 -26.11
N ILE A 10 -7.59 22.91 -26.94
CA ILE A 10 -8.19 21.91 -27.81
C ILE A 10 -8.01 20.59 -27.07
N GLY A 11 -9.09 20.07 -26.52
CA GLY A 11 -9.04 18.83 -25.77
C GLY A 11 -9.35 19.06 -24.29
N ALA A 12 -10.43 18.47 -23.83
CA ALA A 12 -10.81 18.63 -22.43
C ALA A 12 -10.43 17.40 -21.60
N GLY A 13 -9.14 17.07 -21.58
CA GLY A 13 -8.69 15.91 -20.81
C GLY A 13 -7.93 16.33 -19.57
N SER A 14 -7.18 15.39 -18.98
CA SER A 14 -6.41 15.63 -17.76
C SER A 14 -5.60 16.93 -17.78
N GLY A 15 -4.79 17.15 -18.83
CA GLY A 15 -4.00 18.36 -18.92
C GLY A 15 -4.81 19.58 -19.35
N GLY A 16 -5.74 19.37 -20.28
CA GLY A 16 -6.56 20.47 -20.78
C GLY A 16 -7.39 21.15 -19.71
N LEU A 17 -8.11 20.35 -18.91
CA LEU A 17 -8.95 20.83 -17.82
C LEU A 17 -8.13 21.49 -16.71
N GLU A 18 -6.96 20.93 -16.42
CA GLU A 18 -6.09 21.50 -15.40
C GLU A 18 -5.62 22.88 -15.86
N ALA A 19 -5.15 22.95 -17.13
CA ALA A 19 -4.67 24.18 -17.74
C ALA A 19 -5.77 25.23 -17.73
N ALA A 20 -6.91 24.87 -18.30
CA ALA A 20 -8.08 25.74 -18.36
C ALA A 20 -8.50 26.25 -16.98
N TRP A 21 -8.62 25.35 -16.02
CA TRP A 21 -9.03 25.73 -14.67
C TRP A 21 -8.08 26.73 -14.02
N ASN A 22 -6.78 26.44 -14.04
CA ASN A 22 -5.83 27.37 -13.42
C ASN A 22 -5.85 28.77 -14.00
N ALA A 23 -5.90 28.89 -15.33
CA ALA A 23 -5.89 30.20 -15.99
C ALA A 23 -7.13 31.04 -15.70
N ALA A 24 -8.29 30.42 -15.65
CA ALA A 24 -9.51 31.17 -15.36
C ALA A 24 -9.56 31.56 -13.89
N THR A 25 -9.27 30.60 -13.04
CA THR A 25 -9.28 30.75 -11.59
C THR A 25 -8.12 31.56 -11.04
N LEU A 26 -6.92 31.03 -11.17
CA LEU A 26 -5.72 31.68 -10.65
C LEU A 26 -5.29 32.96 -11.34
N TYR A 27 -5.53 33.05 -12.63
CA TYR A 27 -5.07 34.25 -13.30
C TYR A 27 -6.17 35.12 -13.88
N LYS A 28 -7.43 34.69 -13.76
CA LYS A 28 -8.60 35.43 -14.26
C LYS A 28 -8.55 35.63 -15.78
N LYS A 29 -8.28 34.57 -16.49
CA LYS A 29 -8.22 34.68 -17.94
C LYS A 29 -9.46 34.04 -18.55
N ARG A 30 -9.92 34.54 -19.71
CA ARG A 30 -11.09 33.96 -20.37
C ARG A 30 -10.59 32.80 -21.22
N VAL A 31 -10.97 31.60 -20.86
CA VAL A 31 -10.57 30.39 -21.55
C VAL A 31 -11.72 29.65 -22.20
N ALA A 32 -11.47 29.13 -23.38
CA ALA A 32 -12.44 28.34 -24.13
C ALA A 32 -11.85 26.94 -24.20
N VAL A 33 -12.65 25.94 -23.91
CA VAL A 33 -12.19 24.56 -23.95
C VAL A 33 -13.12 23.83 -24.92
N ILE A 34 -12.55 23.00 -25.78
CA ILE A 34 -13.30 22.26 -26.79
C ILE A 34 -13.08 20.75 -26.64
N ASP A 35 -14.09 19.97 -26.96
CA ASP A 35 -14.02 18.50 -26.95
C ASP A 35 -15.16 18.00 -27.83
N VAL A 36 -15.07 16.76 -28.30
CA VAL A 36 -16.05 16.17 -29.20
C VAL A 36 -17.35 15.64 -28.58
N GLN A 37 -17.31 15.15 -27.34
CA GLN A 37 -18.56 14.66 -26.77
C GLN A 37 -18.75 15.20 -25.36
N MET A 38 -19.98 15.13 -24.89
CA MET A 38 -20.32 15.58 -23.54
C MET A 38 -20.17 14.41 -22.56
N VAL A 39 -20.51 13.20 -23.00
CA VAL A 39 -20.41 12.02 -22.15
C VAL A 39 -19.66 10.90 -22.88
N HIS A 40 -19.12 9.99 -22.10
CA HIS A 40 -18.37 8.83 -22.58
C HIS A 40 -19.18 7.92 -23.48
N GLY A 41 -18.47 7.09 -24.24
CA GLY A 41 -19.15 6.13 -25.10
C GLY A 41 -18.99 6.35 -26.59
N PRO A 42 -19.45 5.38 -27.40
CA PRO A 42 -19.37 5.43 -28.86
C PRO A 42 -20.23 6.64 -29.26
N PRO A 43 -19.93 7.27 -30.42
CA PRO A 43 -18.86 6.92 -31.35
C PRO A 43 -17.42 7.39 -31.19
N PHE A 44 -17.21 8.44 -30.38
CA PHE A 44 -15.87 8.99 -30.20
C PHE A 44 -15.13 8.52 -28.94
N PHE A 45 -15.83 7.78 -28.08
CA PHE A 45 -15.37 7.18 -26.84
C PHE A 45 -14.94 8.16 -25.75
N SER A 46 -13.91 8.95 -26.02
CA SER A 46 -13.56 9.91 -24.98
C SER A 46 -14.50 11.10 -25.12
N ALA A 47 -14.58 11.89 -24.09
CA ALA A 47 -15.43 13.06 -24.07
C ALA A 47 -14.90 13.97 -22.98
N LEU A 48 -15.74 14.86 -22.49
CA LEU A 48 -15.39 15.79 -21.44
C LEU A 48 -14.79 14.97 -20.29
N GLY A 49 -13.53 15.29 -19.95
CA GLY A 49 -12.81 14.57 -18.91
C GLY A 49 -11.56 13.91 -19.47
N GLY A 50 -11.56 13.62 -20.79
CA GLY A 50 -10.42 13.01 -21.42
C GLY A 50 -10.42 11.49 -21.37
N THR A 51 -9.32 10.88 -21.84
CA THR A 51 -9.15 9.43 -21.88
C THR A 51 -9.12 8.75 -20.51
N CYS A 52 -8.35 9.30 -19.56
CA CYS A 52 -8.29 8.70 -18.22
C CYS A 52 -9.67 8.46 -17.62
N VAL A 53 -10.49 9.48 -17.65
CA VAL A 53 -11.84 9.39 -17.10
C VAL A 53 -12.80 8.48 -17.87
N ASN A 54 -12.92 8.73 -19.16
CA ASN A 54 -13.83 8.02 -20.05
C ASN A 54 -13.47 6.61 -20.53
N VAL A 55 -12.21 6.40 -20.94
CA VAL A 55 -11.76 5.09 -21.42
C VAL A 55 -10.32 4.80 -20.98
N GLY A 56 -10.04 5.06 -19.69
CA GLY A 56 -8.70 4.85 -19.18
C GLY A 56 -8.64 4.43 -17.73
N CYS A 57 -7.81 5.11 -16.94
CA CYS A 57 -7.55 4.88 -15.52
C CYS A 57 -8.77 4.59 -14.66
N VAL A 58 -9.77 5.49 -14.72
CA VAL A 58 -10.96 5.30 -13.90
C VAL A 58 -11.68 3.98 -14.21
N PRO A 59 -12.23 3.81 -15.42
CA PRO A 59 -12.89 2.53 -15.68
C PRO A 59 -12.07 1.23 -15.57
N LYS A 60 -10.78 1.32 -15.96
CA LYS A 60 -9.98 0.10 -15.86
C LYS A 60 -9.66 -0.26 -14.41
N LYS A 61 -9.52 0.74 -13.54
CA LYS A 61 -9.22 0.43 -12.14
C LYS A 61 -10.44 -0.25 -11.51
N LEU A 62 -11.65 0.22 -11.87
CA LEU A 62 -12.84 -0.43 -11.31
C LEU A 62 -12.94 -1.86 -11.84
N MET A 63 -12.66 -2.04 -13.14
CA MET A 63 -12.74 -3.37 -13.73
C MET A 63 -11.65 -4.31 -13.19
N VAL A 64 -10.47 -3.74 -12.88
CA VAL A 64 -9.39 -4.52 -12.31
C VAL A 64 -9.77 -4.92 -10.87
N THR A 65 -10.42 -3.98 -10.15
CA THR A 65 -10.85 -4.27 -8.78
C THR A 65 -11.83 -5.43 -8.79
N GLY A 66 -12.70 -5.45 -9.80
CA GLY A 66 -13.68 -6.53 -9.92
C GLY A 66 -13.01 -7.86 -10.18
N ALA A 67 -12.04 -7.88 -11.12
CA ALA A 67 -11.32 -9.10 -11.46
C ALA A 67 -10.62 -9.71 -10.25
N GLN A 68 -10.08 -8.85 -9.40
CA GLN A 68 -9.37 -9.19 -8.17
C GLN A 68 -10.25 -9.97 -7.21
N TYR A 69 -11.56 -9.78 -7.30
CA TYR A 69 -12.39 -10.55 -6.37
C TYR A 69 -12.34 -12.03 -6.68
N MET A 70 -11.92 -12.38 -7.90
CA MET A 70 -11.84 -13.81 -8.16
C MET A 70 -10.79 -14.39 -7.24
N GLU A 71 -9.70 -13.63 -7.06
CA GLU A 71 -8.61 -14.05 -6.18
C GLU A 71 -9.11 -14.17 -4.75
N HIS A 72 -9.78 -13.11 -4.28
CA HIS A 72 -10.32 -13.02 -2.93
C HIS A 72 -11.22 -14.20 -2.56
N LEU A 73 -12.19 -14.52 -3.45
CA LEU A 73 -13.15 -15.60 -3.30
C LEU A 73 -12.48 -16.96 -3.26
N ARG A 74 -11.43 -17.12 -4.04
CA ARG A 74 -10.74 -18.40 -4.05
C ARG A 74 -9.86 -18.55 -2.81
N GLU A 75 -9.16 -17.46 -2.45
CA GLU A 75 -8.27 -17.48 -1.28
C GLU A 75 -8.96 -17.50 0.08
N SER A 76 -10.23 -17.01 0.17
CA SER A 76 -10.94 -16.98 1.45
C SER A 76 -11.05 -18.35 2.13
N ALA A 77 -11.06 -19.40 1.32
CA ALA A 77 -11.14 -20.79 1.78
C ALA A 77 -9.99 -21.16 2.69
N GLY A 78 -8.80 -20.61 2.43
CA GLY A 78 -7.65 -20.92 3.24
C GLY A 78 -7.78 -20.39 4.66
N PHE A 79 -8.72 -19.46 4.85
CA PHE A 79 -8.94 -18.86 6.16
C PHE A 79 -10.26 -19.29 6.79
N GLY A 80 -10.81 -20.38 6.30
CA GLY A 80 -12.05 -20.91 6.82
C GLY A 80 -13.34 -20.37 6.25
N TRP A 81 -13.30 -19.67 5.12
CA TRP A 81 -14.57 -19.19 4.61
C TRP A 81 -15.21 -20.19 3.67
N GLU A 82 -16.46 -20.59 3.97
CA GLU A 82 -17.24 -21.56 3.22
C GLU A 82 -18.51 -20.98 2.63
N PHE A 83 -18.89 -21.51 1.48
CA PHE A 83 -20.07 -21.22 0.69
C PHE A 83 -20.16 -22.23 -0.45
N ASP A 84 -21.31 -22.34 -1.08
CA ASP A 84 -21.44 -23.31 -2.16
C ASP A 84 -20.79 -22.78 -3.42
N ARG A 85 -19.49 -23.06 -3.57
CA ARG A 85 -18.73 -22.58 -4.72
C ARG A 85 -19.30 -22.94 -6.10
N THR A 86 -20.25 -23.86 -6.12
CA THR A 86 -20.84 -24.22 -7.41
C THR A 86 -21.86 -23.16 -7.89
N THR A 87 -22.22 -22.22 -7.00
CA THR A 87 -23.17 -21.19 -7.40
C THR A 87 -22.48 -19.88 -7.81
N LEU A 88 -21.16 -19.88 -7.75
CA LEU A 88 -20.35 -18.71 -8.08
C LEU A 88 -20.35 -18.39 -9.57
N ARG A 89 -20.53 -17.13 -9.90
CA ARG A 89 -20.50 -16.67 -11.29
C ARG A 89 -20.30 -15.16 -11.32
N ALA A 90 -19.63 -14.68 -12.36
CA ALA A 90 -19.35 -13.25 -12.53
C ALA A 90 -20.28 -12.66 -13.58
N GLU A 91 -21.07 -11.69 -13.19
CA GLU A 91 -22.01 -11.03 -14.08
C GLU A 91 -21.39 -9.77 -14.70
N TRP A 92 -20.79 -9.94 -15.89
CA TRP A 92 -20.13 -8.91 -16.70
C TRP A 92 -20.98 -7.66 -16.91
N LYS A 93 -22.25 -7.83 -17.25
CA LYS A 93 -23.11 -6.68 -17.49
C LYS A 93 -23.34 -5.84 -16.23
N ASN A 94 -23.19 -6.46 -15.07
CA ASN A 94 -23.37 -5.67 -13.86
C ASN A 94 -22.14 -4.76 -13.73
N LEU A 95 -20.94 -5.32 -13.95
CA LEU A 95 -19.69 -4.57 -13.87
C LEU A 95 -19.77 -3.36 -14.80
N ILE A 96 -20.09 -3.61 -16.07
CA ILE A 96 -20.20 -2.56 -17.09
C ILE A 96 -21.25 -1.52 -16.68
N ALA A 97 -22.34 -1.96 -16.07
CA ALA A 97 -23.37 -1.01 -15.67
C ALA A 97 -22.85 -0.07 -14.59
N VAL A 98 -22.22 -0.63 -13.54
CA VAL A 98 -21.72 0.25 -12.47
C VAL A 98 -20.59 1.16 -12.95
N LYS A 99 -19.79 0.67 -13.88
CA LYS A 99 -18.69 1.46 -14.45
C LYS A 99 -19.27 2.66 -15.21
N ASP A 100 -20.29 2.42 -16.03
CA ASP A 100 -20.95 3.46 -16.82
C ASP A 100 -21.57 4.55 -15.94
N GLU A 101 -22.16 4.16 -14.81
CA GLU A 101 -22.74 5.15 -13.91
C GLU A 101 -21.64 5.96 -13.23
N ALA A 102 -20.53 5.31 -12.87
CA ALA A 102 -19.42 6.01 -12.23
C ALA A 102 -18.82 7.07 -13.16
N VAL A 103 -18.57 6.69 -14.41
CA VAL A 103 -18.00 7.64 -15.38
C VAL A 103 -18.99 8.76 -15.70
N LEU A 104 -20.27 8.42 -15.90
CA LEU A 104 -21.27 9.44 -16.23
C LEU A 104 -21.32 10.54 -15.18
N ASN A 105 -21.22 10.13 -13.92
CA ASN A 105 -21.25 11.11 -12.83
C ASN A 105 -20.08 12.07 -12.93
N ILE A 106 -18.92 11.57 -13.37
CA ILE A 106 -17.75 12.45 -13.50
C ILE A 106 -17.99 13.38 -14.69
N ASN A 107 -18.57 12.84 -15.77
CA ASN A 107 -18.86 13.68 -16.94
C ASN A 107 -19.74 14.85 -16.52
N LYS A 108 -20.78 14.55 -15.72
CA LYS A 108 -21.69 15.60 -15.26
C LYS A 108 -20.97 16.62 -14.40
N SER A 109 -20.15 16.14 -13.48
CA SER A 109 -19.38 16.98 -12.58
C SER A 109 -18.58 18.04 -13.34
N TYR A 110 -17.96 17.64 -14.44
CA TYR A 110 -17.18 18.60 -15.22
C TYR A 110 -18.10 19.56 -15.96
N ASP A 111 -19.30 19.11 -16.29
CA ASP A 111 -20.22 19.99 -17.00
C ASP A 111 -20.68 21.14 -16.10
N GLU A 112 -21.09 20.82 -14.86
CA GLU A 112 -21.53 21.89 -13.96
C GLU A 112 -20.38 22.83 -13.64
N MET A 113 -19.13 22.31 -13.70
CA MET A 113 -17.92 23.09 -13.44
C MET A 113 -17.88 24.27 -14.38
N PHE A 114 -18.15 24.02 -15.65
CA PHE A 114 -18.13 25.11 -16.61
C PHE A 114 -19.26 26.08 -16.34
N ARG A 115 -20.44 25.53 -16.14
CA ARG A 115 -21.66 26.28 -15.87
C ARG A 115 -21.50 27.22 -14.67
N ASP A 116 -20.65 26.84 -13.72
CA ASP A 116 -20.43 27.66 -12.53
C ASP A 116 -19.13 28.49 -12.56
N THR A 117 -18.40 28.46 -13.66
CA THR A 117 -17.18 29.26 -13.63
C THR A 117 -17.19 30.39 -14.65
N GLU A 118 -16.98 31.60 -14.15
CA GLU A 118 -16.96 32.77 -15.01
C GLU A 118 -15.62 32.80 -15.73
N GLY A 119 -15.68 33.01 -17.02
CA GLY A 119 -14.47 33.06 -17.82
C GLY A 119 -14.07 31.71 -18.37
N LEU A 120 -14.81 30.68 -18.01
CA LEU A 120 -14.48 29.36 -18.50
C LEU A 120 -15.66 28.91 -19.37
N GLU A 121 -15.43 28.71 -20.67
CA GLU A 121 -16.53 28.29 -21.53
C GLU A 121 -16.21 27.03 -22.32
N PHE A 122 -17.20 26.17 -22.50
CA PHE A 122 -17.01 24.93 -23.22
C PHE A 122 -17.67 24.98 -24.61
N PHE A 123 -17.02 24.38 -25.61
CA PHE A 123 -17.53 24.34 -26.96
C PHE A 123 -17.51 22.90 -27.49
N LEU A 124 -18.67 22.42 -27.91
CA LEU A 124 -18.74 21.06 -28.42
C LEU A 124 -18.41 21.01 -29.90
N GLY A 125 -17.41 20.22 -30.27
CA GLY A 125 -17.03 20.11 -31.66
C GLY A 125 -15.58 19.71 -31.86
N TRP A 126 -15.15 19.71 -33.10
CA TRP A 126 -13.79 19.37 -33.46
C TRP A 126 -13.01 20.65 -33.72
N GLY A 127 -11.99 20.90 -32.91
CA GLY A 127 -11.19 22.09 -33.08
C GLY A 127 -10.00 21.86 -34.00
N SER A 128 -9.64 22.90 -34.74
CA SER A 128 -8.51 22.92 -35.66
C SER A 128 -8.04 24.36 -35.86
N LEU A 129 -6.79 24.52 -36.20
CA LEU A 129 -6.26 25.85 -36.41
C LEU A 129 -6.56 26.41 -37.78
N GLU A 130 -7.06 27.65 -37.83
CA GLU A 130 -7.32 28.30 -39.11
C GLU A 130 -6.03 29.04 -39.46
N SER A 131 -5.39 29.58 -38.42
CA SER A 131 -4.15 30.33 -38.38
C SER A 131 -3.65 30.26 -36.94
N LYS A 132 -2.48 30.81 -36.66
CA LYS A 132 -1.93 30.77 -35.30
C LYS A 132 -2.69 31.58 -34.25
N ASN A 133 -3.78 32.25 -34.64
CA ASN A 133 -4.50 33.00 -33.63
C ASN A 133 -6.02 32.86 -33.81
N VAL A 134 -6.41 31.87 -34.60
CA VAL A 134 -7.82 31.62 -34.84
C VAL A 134 -8.06 30.12 -34.84
N VAL A 135 -8.97 29.67 -34.00
CA VAL A 135 -9.32 28.26 -33.88
C VAL A 135 -10.75 28.05 -34.34
N ASN A 136 -10.96 27.09 -35.24
CA ASN A 136 -12.31 26.85 -35.68
C ASN A 136 -12.88 25.66 -34.92
N VAL A 137 -14.19 25.65 -34.77
CA VAL A 137 -14.91 24.57 -34.11
C VAL A 137 -15.91 24.11 -35.16
N ARG A 138 -15.78 22.87 -35.59
CA ARG A 138 -16.64 22.27 -36.60
C ARG A 138 -17.49 21.13 -36.09
N GLU A 139 -18.47 20.75 -36.90
CA GLU A 139 -19.39 19.66 -36.61
C GLU A 139 -18.68 18.31 -36.63
N SER A 140 -17.61 18.17 -37.44
CA SER A 140 -16.94 16.87 -37.47
C SER A 140 -15.43 17.01 -37.72
N ALA A 141 -14.73 15.88 -37.73
CA ALA A 141 -13.29 15.81 -37.97
C ALA A 141 -12.90 16.25 -39.37
N ASP A 142 -13.82 16.09 -40.33
CA ASP A 142 -13.53 16.49 -41.70
C ASP A 142 -13.30 18.00 -41.81
N PRO A 143 -12.14 18.42 -42.35
CA PRO A 143 -11.84 19.85 -42.48
C PRO A 143 -12.75 20.68 -43.39
N ALA A 144 -13.61 19.99 -44.13
CA ALA A 144 -14.55 20.65 -45.02
C ALA A 144 -15.93 20.63 -44.38
N SER A 145 -15.96 20.42 -43.08
CA SER A 145 -17.19 20.35 -42.32
C SER A 145 -17.68 21.76 -41.98
N ALA A 146 -18.94 21.86 -41.58
CA ALA A 146 -19.50 23.17 -41.25
C ALA A 146 -18.88 23.74 -39.99
N VAL A 147 -18.54 25.01 -40.05
CA VAL A 147 -17.97 25.69 -38.89
C VAL A 147 -19.08 26.14 -37.96
N LYS A 148 -19.04 25.62 -36.73
CA LYS A 148 -20.01 25.94 -35.69
C LYS A 148 -19.58 27.22 -34.97
N GLU A 149 -18.28 27.36 -34.71
CA GLU A 149 -17.73 28.51 -34.01
C GLU A 149 -16.36 28.85 -34.57
N ARG A 150 -15.98 30.10 -34.41
CA ARG A 150 -14.68 30.58 -34.88
C ARG A 150 -14.15 31.43 -33.73
N LEU A 151 -13.16 30.91 -32.99
CA LEU A 151 -12.59 31.60 -31.84
C LEU A 151 -11.25 32.31 -32.07
N GLU A 152 -11.25 33.62 -31.85
CA GLU A 152 -10.03 34.40 -31.99
C GLU A 152 -9.36 34.33 -30.63
N THR A 153 -8.07 34.14 -30.64
CA THR A 153 -7.44 34.04 -29.33
C THR A 153 -6.01 34.52 -29.35
N GLU A 154 -5.52 34.79 -28.17
CA GLU A 154 -4.16 35.25 -27.95
C GLU A 154 -3.20 34.09 -27.69
N HIS A 155 -3.69 32.99 -27.09
CA HIS A 155 -2.83 31.84 -26.82
C HIS A 155 -3.57 30.55 -27.14
N ILE A 156 -2.88 29.55 -27.70
CA ILE A 156 -3.49 28.27 -28.04
C ILE A 156 -2.77 27.11 -27.33
N LEU A 157 -3.56 26.15 -26.82
CA LEU A 157 -2.95 25.00 -26.16
C LEU A 157 -3.53 23.75 -26.79
N LEU A 158 -2.65 22.90 -27.30
CA LEU A 158 -2.92 21.63 -27.96
C LEU A 158 -2.82 20.53 -26.91
N ALA A 159 -3.94 19.89 -26.61
CA ALA A 159 -3.98 18.82 -25.61
C ALA A 159 -4.95 17.76 -26.08
N SER A 160 -4.79 17.37 -27.33
CA SER A 160 -5.61 16.37 -27.98
C SER A 160 -5.33 14.92 -27.57
N GLY A 161 -4.35 14.70 -26.72
CA GLY A 161 -4.05 13.35 -26.27
C GLY A 161 -3.60 12.36 -27.35
N SER A 162 -3.84 11.09 -27.11
CA SER A 162 -3.45 10.05 -28.05
C SER A 162 -4.65 9.20 -28.47
N TRP A 163 -4.40 8.17 -29.28
CA TRP A 163 -5.42 7.27 -29.81
C TRP A 163 -4.75 5.92 -30.08
N PRO A 164 -5.49 4.80 -29.96
CA PRO A 164 -4.83 3.51 -30.22
C PRO A 164 -4.28 3.37 -31.63
N HIS A 165 -3.20 2.67 -31.72
CA HIS A 165 -2.54 2.43 -32.99
C HIS A 165 -2.93 1.07 -33.55
N MET A 166 -3.65 1.06 -34.66
CA MET A 166 -4.04 -0.18 -35.31
C MET A 166 -2.98 -0.49 -36.36
N PRO A 167 -2.37 -1.70 -36.33
CA PRO A 167 -1.34 -2.03 -37.33
C PRO A 167 -2.00 -2.35 -38.67
N ASN A 168 -1.31 -2.00 -39.76
CA ASN A 168 -1.92 -2.31 -41.06
C ASN A 168 -1.57 -3.73 -41.48
N ILE A 169 -2.45 -4.64 -41.15
CA ILE A 169 -2.34 -6.05 -41.47
C ILE A 169 -3.67 -6.47 -42.07
N PRO A 170 -3.69 -7.56 -42.82
CA PRO A 170 -4.95 -8.01 -43.40
C PRO A 170 -5.91 -8.40 -42.28
N GLY A 171 -7.16 -7.95 -42.37
CA GLY A 171 -8.16 -8.29 -41.37
C GLY A 171 -8.22 -7.44 -40.12
N ILE A 172 -7.45 -6.37 -40.06
CA ILE A 172 -7.47 -5.51 -38.88
C ILE A 172 -8.89 -5.02 -38.54
N GLU A 173 -9.75 -4.93 -39.54
CA GLU A 173 -11.12 -4.47 -39.26
C GLU A 173 -11.94 -5.50 -38.50
N HIS A 174 -11.35 -6.64 -38.16
CA HIS A 174 -12.06 -7.65 -37.39
C HIS A 174 -11.62 -7.58 -35.93
N CYS A 175 -10.69 -6.67 -35.64
CA CYS A 175 -10.13 -6.46 -34.32
C CYS A 175 -10.69 -5.19 -33.67
N ILE A 176 -10.53 -5.09 -32.35
CA ILE A 176 -10.98 -3.92 -31.61
C ILE A 176 -9.78 -3.38 -30.85
N SER A 177 -9.97 -2.24 -30.18
CA SER A 177 -8.92 -1.61 -29.38
C SER A 177 -9.44 -1.56 -27.95
N SER A 178 -8.66 -1.00 -27.03
CA SER A 178 -9.13 -0.92 -25.64
C SER A 178 -10.43 -0.13 -25.55
N ASN A 179 -10.65 0.76 -26.55
CA ASN A 179 -11.85 1.59 -26.60
C ASN A 179 -13.15 0.79 -26.63
N GLU A 180 -13.23 -0.19 -27.51
CA GLU A 180 -14.45 -0.98 -27.62
C GLU A 180 -14.59 -1.98 -26.48
N ALA A 181 -13.46 -2.41 -25.90
CA ALA A 181 -13.46 -3.36 -24.80
C ALA A 181 -14.27 -2.88 -23.59
N PHE A 182 -14.37 -1.57 -23.38
CA PHE A 182 -15.11 -1.03 -22.25
C PHE A 182 -16.63 -1.11 -22.43
N TYR A 183 -17.06 -1.44 -23.63
CA TYR A 183 -18.49 -1.50 -23.85
C TYR A 183 -18.96 -2.86 -24.36
N LEU A 184 -18.19 -3.93 -24.10
CA LEU A 184 -18.63 -5.23 -24.58
C LEU A 184 -19.87 -5.68 -23.82
N PRO A 185 -20.84 -6.29 -24.52
CA PRO A 185 -22.08 -6.76 -23.91
C PRO A 185 -21.98 -8.05 -23.09
N GLU A 186 -21.01 -8.88 -23.44
CA GLU A 186 -20.68 -10.16 -22.84
C GLU A 186 -19.18 -10.33 -22.90
N PRO A 187 -18.60 -11.13 -21.99
CA PRO A 187 -17.16 -11.34 -21.99
C PRO A 187 -16.90 -12.47 -23.02
N PRO A 188 -15.79 -12.36 -23.76
CA PRO A 188 -15.44 -13.37 -24.78
C PRO A 188 -14.97 -14.67 -24.16
N ARG A 189 -15.37 -15.83 -24.73
CA ARG A 189 -14.81 -17.02 -24.08
C ARG A 189 -13.37 -17.20 -24.53
N ARG A 190 -13.12 -17.00 -25.82
CA ARG A 190 -11.76 -17.08 -26.35
C ARG A 190 -11.44 -15.68 -26.83
N VAL A 191 -10.43 -15.08 -26.21
CA VAL A 191 -9.98 -13.73 -26.54
C VAL A 191 -8.47 -13.71 -26.70
N LEU A 192 -7.98 -12.90 -27.62
CA LEU A 192 -6.55 -12.75 -27.85
C LEU A 192 -6.23 -11.27 -27.72
N THR A 193 -5.30 -10.93 -26.81
CA THR A 193 -4.87 -9.56 -26.62
C THR A 193 -3.48 -9.48 -27.23
N VAL A 194 -3.37 -8.76 -28.33
CA VAL A 194 -2.14 -8.58 -29.08
C VAL A 194 -1.32 -7.43 -28.51
N GLY A 195 -0.20 -7.74 -27.88
CA GLY A 195 0.65 -6.72 -27.31
C GLY A 195 1.25 -7.16 -25.99
N GLY A 196 2.42 -6.64 -25.67
CA GLY A 196 3.06 -6.99 -24.41
C GLY A 196 3.08 -5.83 -23.42
N GLY A 197 2.44 -4.71 -23.79
CA GLY A 197 2.38 -3.54 -22.92
C GLY A 197 1.42 -3.68 -21.75
N PHE A 198 1.35 -2.62 -20.90
CA PHE A 198 0.46 -2.69 -19.74
C PHE A 198 -1.02 -2.78 -20.04
N ILE A 199 -1.49 -2.12 -21.09
CA ILE A 199 -2.92 -2.19 -21.41
C ILE A 199 -3.34 -3.63 -21.71
N SER A 200 -2.55 -4.29 -22.55
CA SER A 200 -2.78 -5.67 -22.95
C SER A 200 -2.75 -6.59 -21.73
N VAL A 201 -1.71 -6.43 -20.89
CA VAL A 201 -1.53 -7.21 -19.67
C VAL A 201 -2.66 -6.99 -18.67
N GLU A 202 -3.13 -5.73 -18.50
CA GLU A 202 -4.21 -5.44 -17.57
C GLU A 202 -5.54 -6.02 -18.07
N PHE A 203 -5.84 -5.84 -19.35
CA PHE A 203 -7.08 -6.40 -19.85
C PHE A 203 -7.11 -7.92 -19.84
N ALA A 204 -5.94 -8.53 -20.02
CA ALA A 204 -5.89 -9.98 -20.00
C ALA A 204 -6.37 -10.48 -18.64
N GLY A 205 -6.00 -9.75 -17.57
CA GLY A 205 -6.43 -10.13 -16.24
C GLY A 205 -7.93 -9.94 -16.08
N ILE A 206 -8.48 -8.86 -16.65
CA ILE A 206 -9.90 -8.58 -16.55
C ILE A 206 -10.68 -9.71 -17.23
N PHE A 207 -10.31 -10.00 -18.46
CA PHE A 207 -10.97 -11.05 -19.22
C PHE A 207 -10.85 -12.40 -18.53
N ASN A 208 -9.71 -12.64 -17.84
CA ASN A 208 -9.50 -13.91 -17.15
C ASN A 208 -10.47 -14.11 -15.99
N ALA A 209 -10.88 -13.02 -15.37
CA ALA A 209 -11.79 -13.22 -14.25
C ALA A 209 -13.25 -13.29 -14.66
N TYR A 210 -13.57 -12.72 -15.80
CA TYR A 210 -14.98 -12.76 -16.19
C TYR A 210 -15.25 -13.69 -17.35
N LYS A 211 -14.28 -14.54 -17.72
CA LYS A 211 -14.59 -15.38 -18.87
C LYS A 211 -15.56 -16.52 -18.57
N PRO A 212 -16.46 -16.81 -19.52
CA PRO A 212 -17.45 -17.89 -19.33
C PRO A 212 -16.84 -19.28 -19.31
N LYS A 213 -17.64 -20.26 -18.88
CA LYS A 213 -17.39 -21.70 -18.74
C LYS A 213 -16.15 -22.31 -19.39
N ASP A 214 -16.04 -22.22 -20.70
CA ASP A 214 -14.91 -22.85 -21.37
C ASP A 214 -13.93 -21.80 -21.90
N GLY A 215 -13.83 -20.69 -21.18
CA GLY A 215 -12.97 -19.60 -21.61
C GLY A 215 -11.49 -19.81 -21.45
N GLN A 216 -10.74 -19.05 -22.23
CA GLN A 216 -9.29 -19.04 -22.26
C GLN A 216 -8.83 -17.67 -22.73
N VAL A 217 -7.86 -17.10 -22.04
CA VAL A 217 -7.33 -15.79 -22.40
C VAL A 217 -5.93 -16.02 -22.95
N THR A 218 -5.68 -15.54 -24.14
CA THR A 218 -4.36 -15.71 -24.74
C THR A 218 -3.80 -14.34 -25.02
N LEU A 219 -2.57 -14.10 -24.60
CA LEU A 219 -1.87 -12.84 -24.81
C LEU A 219 -0.74 -13.15 -25.78
N CYS A 220 -0.55 -12.35 -26.83
CA CYS A 220 0.60 -12.71 -27.66
C CYS A 220 1.45 -11.48 -27.84
N TYR A 221 2.75 -11.66 -27.92
CA TYR A 221 3.70 -10.57 -28.09
C TYR A 221 4.83 -11.01 -29.03
N ARG A 222 5.16 -10.13 -29.92
CA ARG A 222 6.17 -10.21 -30.95
C ARG A 222 7.56 -10.50 -30.40
N GLY A 223 7.96 -9.76 -29.35
CA GLY A 223 9.26 -9.93 -28.76
C GLY A 223 9.43 -11.16 -27.86
N GLU A 224 10.49 -11.15 -27.07
CA GLU A 224 10.84 -12.24 -26.16
C GLU A 224 10.03 -12.36 -24.88
N MET A 225 9.74 -11.23 -24.27
CA MET A 225 9.03 -11.27 -22.99
C MET A 225 8.12 -10.05 -22.88
N ILE A 226 7.06 -10.18 -22.07
CA ILE A 226 6.12 -9.09 -21.86
C ILE A 226 6.73 -7.93 -21.08
N LEU A 227 6.06 -6.80 -21.12
CA LEU A 227 6.43 -5.56 -20.43
C LEU A 227 7.83 -5.05 -20.73
N ARG A 228 8.07 -4.79 -22.01
CA ARG A 228 9.35 -4.25 -22.44
C ARG A 228 9.52 -2.88 -21.77
N GLY A 229 10.68 -2.62 -21.21
CA GLY A 229 10.93 -1.36 -20.54
C GLY A 229 10.91 -1.47 -19.02
N PHE A 230 10.38 -2.57 -18.51
CA PHE A 230 10.32 -2.82 -17.08
C PHE A 230 11.45 -3.75 -16.66
N ASP A 231 11.74 -3.79 -15.36
CA ASP A 231 12.78 -4.62 -14.76
C ASP A 231 12.62 -6.07 -15.19
N HIS A 232 13.72 -6.67 -15.71
CA HIS A 232 13.69 -8.06 -16.18
C HIS A 232 13.25 -9.08 -15.15
N THR A 233 13.58 -8.86 -13.89
CA THR A 233 13.14 -9.88 -12.95
C THR A 233 11.62 -9.89 -12.83
N LEU A 234 11.01 -8.68 -12.80
CA LEU A 234 9.57 -8.53 -12.70
C LEU A 234 8.89 -9.08 -13.95
N ARG A 235 9.53 -8.88 -15.10
CA ARG A 235 8.94 -9.40 -16.34
C ARG A 235 8.87 -10.93 -16.30
N GLU A 236 9.92 -11.55 -15.78
CA GLU A 236 9.97 -13.00 -15.68
C GLU A 236 8.97 -13.53 -14.67
N GLU A 237 8.96 -12.92 -13.49
CA GLU A 237 8.05 -13.32 -12.41
C GLU A 237 6.59 -13.14 -12.75
N LEU A 238 6.25 -12.01 -13.33
CA LEU A 238 4.85 -11.79 -13.68
C LEU A 238 4.42 -12.81 -14.73
N THR A 239 5.31 -13.14 -15.66
CA THR A 239 4.92 -14.12 -16.66
C THR A 239 4.53 -15.44 -15.99
N LYS A 240 5.32 -15.87 -15.00
CA LYS A 240 5.02 -17.11 -14.29
C LYS A 240 3.69 -17.05 -13.57
N GLN A 241 3.47 -15.96 -12.81
CA GLN A 241 2.23 -15.78 -12.05
C GLN A 241 0.98 -15.63 -12.90
N LEU A 242 1.08 -15.01 -14.08
CA LEU A 242 -0.08 -14.90 -14.97
C LEU A 242 -0.40 -16.27 -15.53
N THR A 243 0.64 -17.01 -15.94
CA THR A 243 0.46 -18.34 -16.50
C THR A 243 -0.15 -19.27 -15.46
N ALA A 244 0.28 -19.12 -14.22
CA ALA A 244 -0.23 -19.93 -13.12
C ALA A 244 -1.71 -19.68 -12.85
N ASN A 245 -2.21 -18.52 -13.31
CA ASN A 245 -3.62 -18.22 -13.11
C ASN A 245 -4.46 -18.47 -14.37
N GLY A 246 -3.94 -19.32 -15.27
CA GLY A 246 -4.68 -19.68 -16.48
C GLY A 246 -4.54 -18.85 -17.75
N ILE A 247 -3.58 -17.92 -17.78
CA ILE A 247 -3.41 -17.10 -18.97
C ILE A 247 -2.34 -17.69 -19.87
N GLN A 248 -2.69 -17.94 -21.12
CA GLN A 248 -1.72 -18.50 -22.05
C GLN A 248 -0.94 -17.34 -22.67
N ILE A 249 0.38 -17.36 -22.51
CA ILE A 249 1.21 -16.30 -23.06
C ILE A 249 2.06 -16.80 -24.21
N LEU A 250 1.84 -16.23 -25.37
CA LEU A 250 2.57 -16.58 -26.58
C LEU A 250 3.53 -15.46 -26.95
N THR A 251 4.80 -15.64 -26.69
CA THR A 251 5.76 -14.62 -27.09
C THR A 251 6.45 -15.11 -28.37
N LYS A 252 7.20 -14.24 -29.06
CA LYS A 252 7.87 -14.63 -30.30
C LYS A 252 6.86 -15.00 -31.40
N GLU A 253 5.63 -14.55 -31.21
CA GLU A 253 4.53 -14.77 -32.14
C GLU A 253 4.02 -13.42 -32.62
N ASN A 254 3.73 -13.34 -33.91
CA ASN A 254 3.26 -12.11 -34.53
C ASN A 254 2.22 -12.39 -35.60
N PRO A 255 1.00 -11.86 -35.44
CA PRO A 255 -0.04 -12.09 -36.45
C PRO A 255 0.29 -11.61 -37.85
N ALA A 256 -0.18 -12.37 -38.82
CA ALA A 256 0.01 -12.09 -40.23
C ALA A 256 -1.29 -11.55 -40.82
N LYS A 257 -2.42 -12.13 -40.40
CA LYS A 257 -3.73 -11.74 -40.87
C LYS A 257 -4.82 -12.33 -39.97
N VAL A 258 -5.98 -11.70 -39.99
CA VAL A 258 -7.17 -12.09 -39.23
C VAL A 258 -8.28 -12.32 -40.25
N GLU A 259 -8.84 -13.50 -40.22
CA GLU A 259 -9.91 -13.88 -41.13
C GLU A 259 -11.18 -14.10 -40.35
N LEU A 260 -12.31 -13.73 -40.91
CA LEU A 260 -13.58 -13.91 -40.22
C LEU A 260 -14.28 -15.17 -40.70
N ASN A 261 -14.37 -16.15 -39.84
CA ASN A 261 -15.02 -17.41 -40.16
C ASN A 261 -16.53 -17.20 -40.24
N ALA A 262 -17.19 -18.00 -41.08
CA ALA A 262 -18.63 -17.96 -41.32
C ALA A 262 -19.45 -17.95 -40.02
N ASP A 263 -18.93 -18.61 -38.99
CA ASP A 263 -19.63 -18.66 -37.72
C ASP A 263 -19.30 -17.47 -36.82
N GLY A 264 -18.84 -16.36 -37.41
CA GLY A 264 -18.52 -15.18 -36.63
C GLY A 264 -17.23 -15.28 -35.83
N SER A 265 -16.51 -16.37 -35.97
CA SER A 265 -15.26 -16.50 -35.23
C SER A 265 -14.14 -15.87 -36.04
N LYS A 266 -13.02 -15.58 -35.38
CA LYS A 266 -11.89 -15.01 -36.11
C LYS A 266 -10.76 -16.02 -36.07
N SER A 267 -10.13 -16.18 -37.17
CA SER A 267 -9.03 -17.11 -37.31
C SER A 267 -7.79 -16.24 -37.48
N VAL A 268 -6.77 -16.49 -36.67
CA VAL A 268 -5.54 -15.71 -36.73
C VAL A 268 -4.39 -16.59 -37.16
N THR A 269 -3.69 -16.14 -38.16
CA THR A 269 -2.53 -16.88 -38.65
C THR A 269 -1.31 -16.05 -38.27
N PHE A 270 -0.39 -16.65 -37.58
CA PHE A 270 0.83 -15.99 -37.14
C PHE A 270 1.92 -16.19 -38.19
N GLU A 271 2.93 -15.32 -38.19
CA GLU A 271 4.00 -15.47 -39.16
C GLU A 271 4.73 -16.81 -39.03
N SER A 272 4.57 -17.44 -37.89
CA SER A 272 5.20 -18.73 -37.66
C SER A 272 4.47 -19.83 -38.43
N GLY A 273 3.28 -19.51 -38.91
CA GLY A 273 2.48 -20.49 -39.62
C GLY A 273 1.38 -21.02 -38.71
N LYS A 274 1.51 -20.79 -37.40
CA LYS A 274 0.52 -21.23 -36.41
C LYS A 274 -0.80 -20.50 -36.67
N LYS A 275 -1.90 -21.21 -36.60
CA LYS A 275 -3.20 -20.60 -36.83
C LYS A 275 -4.09 -20.96 -35.63
N MET A 276 -4.75 -19.96 -35.01
CA MET A 276 -5.62 -20.23 -33.86
C MET A 276 -6.95 -19.52 -34.04
N ASP A 277 -7.98 -19.96 -33.31
CA ASP A 277 -9.30 -19.36 -33.42
C ASP A 277 -9.70 -18.69 -32.11
N PHE A 278 -10.26 -17.49 -32.22
CA PHE A 278 -10.70 -16.69 -31.08
C PHE A 278 -12.04 -16.03 -31.39
N ASP A 279 -12.79 -15.67 -30.35
CA ASP A 279 -14.06 -15.00 -30.59
C ASP A 279 -13.79 -13.49 -30.68
N LEU A 280 -12.78 -13.02 -29.94
CA LEU A 280 -12.45 -11.60 -29.95
C LEU A 280 -10.94 -11.41 -30.05
N VAL A 281 -10.52 -10.48 -30.89
CA VAL A 281 -9.12 -10.15 -31.09
C VAL A 281 -9.00 -8.68 -30.75
N MET A 282 -8.15 -8.37 -29.77
CA MET A 282 -7.96 -7.00 -29.32
C MET A 282 -6.53 -6.54 -29.55
N MET A 283 -6.35 -5.42 -30.22
CA MET A 283 -5.04 -4.86 -30.50
C MET A 283 -4.67 -3.83 -29.41
N ALA A 284 -3.57 -4.06 -28.72
CA ALA A 284 -3.13 -3.12 -27.68
C ALA A 284 -1.61 -2.98 -27.80
N ILE A 285 -1.19 -2.70 -29.04
CA ILE A 285 0.19 -2.55 -29.47
C ILE A 285 0.79 -1.15 -29.32
N GLY A 286 -0.02 -0.17 -28.95
CA GLY A 286 0.51 1.18 -28.78
C GLY A 286 -0.52 2.26 -28.99
N ARG A 287 -0.18 3.49 -28.59
CA ARG A 287 -1.03 4.68 -28.72
C ARG A 287 -0.21 5.80 -29.35
N SER A 288 -0.82 6.51 -30.29
CA SER A 288 -0.24 7.60 -31.06
C SER A 288 -0.87 8.97 -30.78
N PRO A 289 -0.06 10.05 -30.76
CA PRO A 289 -0.56 11.40 -30.50
C PRO A 289 -1.60 11.79 -31.56
N ARG A 290 -2.68 12.47 -31.17
CA ARG A 290 -3.65 12.84 -32.19
C ARG A 290 -3.32 14.23 -32.74
N THR A 291 -2.52 14.28 -33.81
CA THR A 291 -2.13 15.57 -34.39
C THR A 291 -2.84 15.90 -35.70
N LYS A 292 -3.25 14.86 -36.42
CA LYS A 292 -3.93 14.83 -37.72
C LYS A 292 -5.02 15.88 -37.92
N ASP A 293 -6.06 15.83 -37.08
CA ASP A 293 -7.23 16.70 -37.10
C ASP A 293 -7.00 18.15 -36.68
N LEU A 294 -5.84 18.44 -36.19
CA LEU A 294 -5.54 19.78 -35.72
C LEU A 294 -5.26 20.83 -36.79
N GLN A 295 -4.79 20.39 -37.97
CA GLN A 295 -4.44 21.22 -39.12
C GLN A 295 -3.30 22.17 -38.73
N LEU A 296 -2.26 21.58 -38.15
CA LEU A 296 -1.07 22.25 -37.65
C LEU A 296 -0.30 23.02 -38.73
N GLN A 297 -0.41 22.58 -39.98
CA GLN A 297 0.32 23.31 -41.03
C GLN A 297 -0.16 24.75 -41.19
N ASN A 298 -1.40 25.04 -40.81
CA ASN A 298 -1.93 26.39 -40.93
C ASN A 298 -1.27 27.39 -40.01
N ALA A 299 -0.42 26.90 -39.11
CA ALA A 299 0.32 27.71 -38.16
C ALA A 299 1.80 27.38 -38.23
N GLY A 300 2.13 26.29 -38.94
CA GLY A 300 3.52 25.89 -39.07
C GLY A 300 4.09 25.21 -37.84
N VAL A 301 3.24 24.57 -37.01
CA VAL A 301 3.73 23.89 -35.81
C VAL A 301 4.46 22.62 -36.24
N MET A 302 5.67 22.43 -35.72
CA MET A 302 6.47 21.28 -36.07
C MET A 302 6.19 20.01 -35.28
N ILE A 303 6.10 18.91 -36.00
CA ILE A 303 5.87 17.59 -35.45
C ILE A 303 7.15 16.80 -35.59
N LYS A 304 7.60 16.18 -34.51
CA LYS A 304 8.82 15.41 -34.56
C LYS A 304 8.44 13.94 -34.79
N ASN A 305 8.87 13.03 -33.91
CA ASN A 305 8.46 11.67 -34.22
C ASN A 305 7.05 11.40 -33.73
N GLY A 306 6.08 11.71 -34.61
CA GLY A 306 4.67 11.52 -34.31
C GLY A 306 4.00 12.68 -33.59
N GLY A 307 4.55 13.07 -32.46
CA GLY A 307 3.97 14.15 -31.67
C GLY A 307 4.49 15.55 -31.94
N VAL A 308 3.85 16.52 -31.31
CA VAL A 308 4.18 17.93 -31.44
C VAL A 308 5.49 18.19 -30.70
N GLN A 309 6.45 18.86 -31.37
CA GLN A 309 7.69 19.08 -30.63
C GLN A 309 7.54 20.28 -29.70
N VAL A 310 8.10 20.15 -28.52
CA VAL A 310 8.03 21.20 -27.52
C VAL A 310 9.34 21.24 -26.78
N ASP A 311 9.64 22.37 -26.18
CA ASP A 311 10.87 22.46 -25.40
C ASP A 311 10.50 22.10 -23.95
N GLU A 312 11.45 22.21 -23.05
CA GLU A 312 11.25 21.88 -21.64
C GLU A 312 10.06 22.58 -20.99
N TYR A 313 9.70 23.75 -21.50
CA TYR A 313 8.59 24.53 -20.96
C TYR A 313 7.29 24.34 -21.73
N SER A 314 7.19 23.26 -22.51
CA SER A 314 6.03 22.92 -23.32
C SER A 314 5.68 23.94 -24.40
N ARG A 315 6.69 24.67 -24.87
CA ARG A 315 6.42 25.66 -25.92
C ARG A 315 6.79 25.04 -27.27
N THR A 316 5.96 25.28 -28.28
CA THR A 316 6.27 24.73 -29.60
C THR A 316 7.26 25.66 -30.29
N ASN A 317 7.51 25.40 -31.56
CA ASN A 317 8.43 26.21 -32.35
C ASN A 317 7.75 27.50 -32.84
N VAL A 318 6.44 27.66 -32.56
CA VAL A 318 5.61 28.79 -32.94
C VAL A 318 5.19 29.56 -31.68
N SER A 319 5.43 30.89 -31.68
CA SER A 319 5.09 31.70 -30.52
C SER A 319 3.59 31.67 -30.24
N ASN A 320 3.24 31.62 -28.97
CA ASN A 320 1.89 31.59 -28.45
C ASN A 320 1.14 30.28 -28.66
N ILE A 321 1.84 29.24 -29.09
CA ILE A 321 1.19 27.95 -29.27
C ILE A 321 1.98 26.96 -28.40
N TYR A 322 1.28 26.22 -27.54
CA TYR A 322 1.87 25.25 -26.62
C TYR A 322 1.18 23.90 -26.72
N ALA A 323 1.84 22.88 -26.23
CA ALA A 323 1.25 21.55 -26.27
C ALA A 323 1.68 20.79 -25.02
N ILE A 324 0.75 20.01 -24.46
CA ILE A 324 1.04 19.23 -23.25
C ILE A 324 0.39 17.85 -23.35
N GLY A 325 0.70 16.99 -22.37
CA GLY A 325 0.13 15.65 -22.36
C GLY A 325 0.63 14.70 -23.42
N ASP A 326 -0.17 13.71 -23.72
CA ASP A 326 0.16 12.67 -24.69
C ASP A 326 0.48 13.12 -26.11
N VAL A 327 0.00 14.31 -26.53
CA VAL A 327 0.31 14.71 -27.92
C VAL A 327 1.79 15.09 -28.12
N THR A 328 2.54 15.34 -27.01
CA THR A 328 3.95 15.71 -27.04
C THR A 328 4.83 14.45 -27.10
N ASN A 329 4.24 13.31 -26.79
CA ASN A 329 4.84 11.98 -26.79
C ASN A 329 6.01 11.83 -25.81
N ARG A 330 5.88 12.44 -24.63
CA ARG A 330 6.93 12.34 -23.61
C ARG A 330 6.59 11.15 -22.70
N VAL A 331 5.95 11.42 -21.56
CA VAL A 331 5.55 10.34 -20.65
C VAL A 331 4.03 10.34 -20.66
N MET A 332 3.45 9.34 -21.34
CA MET A 332 1.99 9.25 -21.44
C MET A 332 1.26 8.77 -20.18
N LEU A 333 1.09 9.69 -19.24
CA LEU A 333 0.43 9.43 -17.96
C LEU A 333 -0.36 10.66 -17.51
N THR A 334 -1.49 10.45 -16.83
CA THR A 334 -2.34 11.53 -16.34
C THR A 334 -1.65 12.50 -15.37
N PRO A 335 -1.02 12.01 -14.29
CA PRO A 335 -0.35 12.94 -13.36
C PRO A 335 0.71 13.83 -14.00
N VAL A 336 1.37 13.31 -15.04
CA VAL A 336 2.39 14.09 -15.76
C VAL A 336 1.71 15.19 -16.58
N ALA A 337 0.60 14.85 -17.28
CA ALA A 337 -0.14 15.80 -18.10
C ALA A 337 -0.65 16.98 -17.26
N ILE A 338 -1.10 16.68 -16.05
CA ILE A 338 -1.60 17.65 -15.10
C ILE A 338 -0.46 18.55 -14.61
N ASN A 339 0.71 17.95 -14.34
CA ASN A 339 1.88 18.72 -13.87
C ASN A 339 2.37 19.68 -14.96
N GLU A 340 2.37 19.23 -16.20
CA GLU A 340 2.79 20.05 -17.33
C GLU A 340 1.84 21.23 -17.55
N ALA A 341 0.54 20.96 -17.47
CA ALA A 341 -0.47 22.00 -17.66
C ALA A 341 -0.33 23.14 -16.68
N ALA A 342 -0.19 22.81 -15.38
CA ALA A 342 -0.05 23.77 -14.29
C ALA A 342 1.25 24.56 -14.40
N ALA A 343 2.35 23.90 -14.78
CA ALA A 343 3.64 24.55 -14.94
C ALA A 343 3.57 25.52 -16.11
N LEU A 344 2.99 25.07 -17.24
CA LEU A 344 2.82 25.86 -18.46
C LEU A 344 1.99 27.11 -18.19
N VAL A 345 0.89 26.96 -17.47
CA VAL A 345 0.08 28.15 -17.17
C VAL A 345 0.88 29.13 -16.32
N ASP A 346 1.73 28.63 -15.44
CA ASP A 346 2.52 29.55 -14.62
C ASP A 346 3.55 30.28 -15.46
N THR A 347 4.23 29.56 -16.33
CA THR A 347 5.24 30.16 -17.19
C THR A 347 4.66 31.22 -18.14
N VAL A 348 3.39 31.01 -18.58
CA VAL A 348 2.72 31.91 -19.50
C VAL A 348 1.95 33.07 -18.87
N PHE A 349 1.09 32.78 -17.93
CA PHE A 349 0.33 33.87 -17.34
C PHE A 349 0.85 34.31 -15.98
N GLY A 350 1.92 33.68 -15.55
CA GLY A 350 2.51 34.02 -14.26
C GLY A 350 3.83 34.74 -14.36
N THR A 351 4.46 34.92 -13.22
CA THR A 351 5.74 35.60 -13.08
C THR A 351 6.96 34.69 -13.21
N THR A 352 6.89 33.53 -12.57
CA THR A 352 8.05 32.65 -12.68
C THR A 352 7.82 31.50 -13.65
N PRO A 353 8.80 31.24 -14.52
CA PRO A 353 8.71 30.16 -15.49
C PRO A 353 8.79 28.92 -14.60
N ARG A 354 8.28 27.80 -15.11
CA ARG A 354 8.26 26.55 -14.36
C ARG A 354 8.16 25.38 -15.34
N LYS A 355 8.79 24.27 -14.99
CA LYS A 355 8.75 23.10 -15.86
C LYS A 355 8.66 21.82 -15.03
N THR A 356 8.16 20.79 -15.66
CA THR A 356 7.95 19.45 -15.14
C THR A 356 9.17 18.54 -15.28
N ASP A 357 9.64 18.02 -14.16
CA ASP A 357 10.76 17.09 -14.20
C ASP A 357 10.16 15.76 -14.63
N HIS A 358 10.62 15.23 -15.73
CA HIS A 358 10.08 13.98 -16.21
C HIS A 358 10.87 12.78 -15.70
N THR A 359 11.81 13.00 -14.78
CA THR A 359 12.58 11.88 -14.25
C THR A 359 11.97 11.46 -12.92
N ARG A 360 12.32 10.26 -12.47
CA ARG A 360 11.88 9.65 -11.23
C ARG A 360 10.37 9.70 -11.04
N VAL A 361 9.64 9.45 -12.13
CA VAL A 361 8.19 9.42 -12.12
C VAL A 361 7.75 8.01 -11.73
N ALA A 362 7.01 7.89 -10.62
CA ALA A 362 6.53 6.58 -10.20
C ALA A 362 5.28 6.23 -10.97
N SER A 363 5.12 4.95 -11.32
CA SER A 363 3.96 4.47 -12.08
C SER A 363 3.63 3.03 -11.67
N ALA A 364 2.52 2.50 -12.18
CA ALA A 364 2.17 1.14 -11.81
C ALA A 364 1.51 0.40 -12.95
N VAL A 365 1.45 -0.90 -12.81
CA VAL A 365 0.81 -1.76 -13.79
C VAL A 365 -0.20 -2.54 -12.97
N PHE A 366 -1.50 -2.32 -13.24
CA PHE A 366 -2.51 -3.02 -12.45
C PHE A 366 -2.84 -4.41 -12.98
N SER A 367 -1.82 -5.23 -13.05
CA SER A 367 -1.94 -6.62 -13.47
C SER A 367 -2.29 -7.39 -12.20
N ILE A 368 -2.48 -8.68 -12.31
CA ILE A 368 -2.78 -9.43 -11.10
C ILE A 368 -1.74 -10.53 -11.01
N PRO A 369 -0.74 -10.42 -10.12
CA PRO A 369 -0.48 -9.30 -9.20
C PRO A 369 0.06 -8.05 -9.87
N PRO A 370 -0.05 -6.89 -9.19
CA PRO A 370 0.43 -5.63 -9.74
C PRO A 370 1.90 -5.29 -9.55
N ILE A 371 2.35 -4.33 -10.31
CA ILE A 371 3.71 -3.81 -10.31
C ILE A 371 3.73 -2.33 -9.96
N GLY A 372 4.79 -1.94 -9.28
CA GLY A 372 5.01 -0.56 -8.90
C GLY A 372 6.44 -0.26 -9.28
N THR A 373 6.70 0.90 -9.88
CA THR A 373 8.09 1.16 -10.26
C THR A 373 8.45 2.65 -10.28
N CYS A 374 9.69 2.95 -9.90
CA CYS A 374 10.19 4.31 -9.90
C CYS A 374 11.68 4.26 -10.19
N GLY A 375 12.14 5.14 -11.04
CA GLY A 375 13.55 5.17 -11.37
C GLY A 375 13.98 4.29 -12.52
N LEU A 376 15.27 4.14 -12.65
CA LEU A 376 15.95 3.38 -13.70
C LEU A 376 16.02 1.89 -13.45
N ILE A 377 16.06 1.16 -14.55
CA ILE A 377 16.20 -0.30 -14.55
C ILE A 377 17.70 -0.52 -14.73
N GLU A 378 18.25 -1.53 -14.08
CA GLU A 378 19.69 -1.78 -14.15
C GLU A 378 20.32 -1.74 -15.54
N GLU A 379 19.58 -2.15 -16.54
CA GLU A 379 20.11 -2.13 -17.90
C GLU A 379 20.48 -0.72 -18.32
N VAL A 380 19.69 0.25 -17.90
CA VAL A 380 19.97 1.63 -18.26
C VAL A 380 20.98 2.28 -17.33
N ALA A 381 20.81 2.05 -16.04
CA ALA A 381 21.72 2.62 -15.05
C ALA A 381 23.16 2.22 -15.30
N SER A 382 23.38 0.93 -15.60
CA SER A 382 24.72 0.42 -15.85
C SER A 382 25.39 1.05 -17.05
N LYS A 383 24.59 1.62 -17.97
CA LYS A 383 25.18 2.27 -19.13
C LYS A 383 25.42 3.74 -18.85
N ARG A 384 24.86 4.25 -17.74
CA ARG A 384 25.06 5.65 -17.38
C ARG A 384 26.04 5.79 -16.23
N TYR A 385 26.21 4.72 -15.45
CA TYR A 385 27.09 4.72 -14.30
C TYR A 385 28.14 3.63 -14.38
N GLU A 386 29.33 3.96 -13.91
CA GLU A 386 30.44 3.02 -13.93
C GLU A 386 30.24 1.94 -12.87
N VAL A 387 29.74 2.32 -11.69
CA VAL A 387 29.54 1.30 -10.66
C VAL A 387 28.10 1.32 -10.12
N VAL A 388 27.36 0.26 -10.40
CA VAL A 388 25.96 0.08 -9.97
C VAL A 388 25.82 -1.15 -9.09
N ALA A 389 24.98 -1.07 -8.07
CA ALA A 389 24.75 -2.19 -7.16
C ALA A 389 23.29 -2.61 -7.25
N VAL A 390 23.02 -3.90 -7.20
CA VAL A 390 21.64 -4.35 -7.27
C VAL A 390 21.26 -5.16 -6.04
N TYR A 391 20.31 -4.65 -5.25
CA TYR A 391 19.80 -5.28 -4.04
C TYR A 391 18.50 -5.97 -4.43
N LEU A 392 18.39 -7.24 -4.13
CA LEU A 392 17.19 -7.97 -4.50
C LEU A 392 16.63 -8.77 -3.32
N SER A 393 15.31 -8.90 -3.24
CA SER A 393 14.68 -9.64 -2.17
C SER A 393 13.38 -10.26 -2.71
N SER A 394 13.24 -11.56 -2.54
CA SER A 394 12.07 -12.30 -2.99
C SER A 394 11.58 -13.13 -1.81
N PHE A 395 10.29 -13.08 -1.56
CA PHE A 395 9.76 -13.85 -0.45
C PHE A 395 8.28 -14.12 -0.69
N THR A 396 7.72 -15.01 0.09
CA THR A 396 6.30 -15.30 -0.05
C THR A 396 5.63 -14.48 1.04
N PRO A 397 4.65 -13.64 0.66
CA PRO A 397 3.95 -12.83 1.67
C PRO A 397 3.27 -13.82 2.63
N LEU A 398 3.27 -13.48 3.90
CA LEU A 398 2.69 -14.27 4.98
C LEU A 398 1.33 -14.90 4.62
N MET A 399 0.37 -14.07 4.20
CA MET A 399 -0.96 -14.58 3.86
C MET A 399 -0.97 -15.59 2.73
N HIS A 400 -0.01 -15.49 1.79
CA HIS A 400 -0.04 -16.44 0.70
C HIS A 400 0.60 -17.78 1.03
N LYS A 401 1.13 -17.87 2.23
CA LYS A 401 1.70 -19.13 2.66
C LYS A 401 0.51 -20.04 2.99
N VAL A 402 -0.54 -19.44 3.59
CA VAL A 402 -1.74 -20.19 3.97
C VAL A 402 -2.94 -19.97 3.04
N SER A 403 -2.85 -19.00 2.13
CA SER A 403 -4.01 -18.77 1.27
C SER A 403 -4.11 -19.76 0.11
N GLY A 404 -3.02 -20.43 -0.22
CA GLY A 404 -3.04 -21.38 -1.33
C GLY A 404 -2.33 -20.88 -2.57
N SER A 405 -2.16 -19.56 -2.68
CA SER A 405 -1.48 -19.01 -3.84
C SER A 405 0.02 -18.97 -3.59
N LYS A 406 0.64 -20.15 -3.47
CA LYS A 406 2.06 -20.35 -3.23
C LYS A 406 2.92 -19.61 -4.25
N TYR A 407 2.41 -19.51 -5.48
CA TYR A 407 3.14 -18.86 -6.58
C TYR A 407 3.27 -17.34 -6.49
N LYS A 408 2.49 -16.71 -5.63
CA LYS A 408 2.53 -15.26 -5.49
C LYS A 408 3.71 -14.76 -4.68
N THR A 409 4.86 -14.77 -5.32
CA THR A 409 6.14 -14.32 -4.81
C THR A 409 6.21 -12.80 -4.88
N PHE A 410 6.64 -12.17 -3.80
CA PHE A 410 6.76 -10.73 -3.83
C PHE A 410 8.23 -10.43 -4.11
N VAL A 411 8.51 -9.62 -5.15
CA VAL A 411 9.87 -9.24 -5.54
C VAL A 411 10.10 -7.75 -5.31
N ALA A 412 11.15 -7.43 -4.60
CA ALA A 412 11.56 -6.06 -4.28
C ALA A 412 12.95 -5.90 -4.86
N LYS A 413 13.20 -4.80 -5.52
CA LYS A 413 14.53 -4.65 -6.09
C LYS A 413 14.93 -3.19 -6.03
N ILE A 414 16.09 -2.92 -5.47
CA ILE A 414 16.59 -1.56 -5.35
C ILE A 414 17.92 -1.49 -6.09
N ILE A 415 18.08 -0.48 -6.94
CA ILE A 415 19.34 -0.35 -7.66
C ILE A 415 19.95 0.98 -7.24
N THR A 416 21.26 1.00 -7.03
CA THR A 416 21.88 2.26 -6.62
C THR A 416 23.19 2.54 -7.35
N ASN A 417 23.65 3.78 -7.22
CA ASN A 417 24.92 4.24 -7.77
C ASN A 417 25.88 3.87 -6.64
N HIS A 418 26.53 2.75 -6.79
CA HIS A 418 27.45 2.25 -5.77
C HIS A 418 28.52 3.26 -5.33
N SER A 419 28.91 4.21 -6.21
CA SER A 419 29.91 5.18 -5.79
C SER A 419 29.49 6.05 -4.61
N ASP A 420 28.18 6.33 -4.47
CA ASP A 420 27.78 7.15 -3.33
C ASP A 420 26.52 6.63 -2.61
N GLY A 421 25.99 5.51 -3.10
CA GLY A 421 24.81 4.93 -2.48
C GLY A 421 23.46 5.48 -2.92
N THR A 422 23.45 6.45 -3.86
CA THR A 422 22.22 7.06 -4.35
C THR A 422 21.30 6.03 -5.00
N VAL A 423 20.03 5.98 -4.56
CA VAL A 423 19.03 5.05 -5.10
C VAL A 423 18.58 5.55 -6.47
N LEU A 424 18.82 4.76 -7.49
CA LEU A 424 18.45 5.10 -8.86
C LEU A 424 17.10 4.54 -9.30
N GLY A 425 16.64 3.49 -8.63
CA GLY A 425 15.37 2.90 -8.98
C GLY A 425 14.94 1.85 -7.99
N VAL A 426 13.62 1.71 -7.81
CA VAL A 426 12.94 0.77 -6.93
C VAL A 426 11.85 0.11 -7.79
N HIS A 427 11.80 -1.22 -7.81
CA HIS A 427 10.86 -1.97 -8.62
C HIS A 427 10.21 -3.08 -7.80
N LEU A 428 8.87 -3.11 -7.77
CA LEU A 428 8.13 -4.09 -6.97
C LEU A 428 7.09 -4.88 -7.76
N LEU A 429 6.86 -6.13 -7.33
CA LEU A 429 5.87 -7.05 -7.89
C LEU A 429 5.16 -7.68 -6.70
N GLY A 430 3.85 -7.53 -6.62
CA GLY A 430 3.11 -8.12 -5.52
C GLY A 430 1.96 -7.23 -5.09
N ASP A 431 1.05 -7.80 -4.31
CA ASP A 431 -0.12 -7.09 -3.81
C ASP A 431 0.24 -5.76 -3.14
N ASN A 432 -0.50 -4.72 -3.50
CA ASN A 432 -0.41 -3.34 -3.03
C ASN A 432 0.83 -2.62 -3.50
N ALA A 433 1.57 -3.21 -4.45
CA ALA A 433 2.77 -2.57 -4.97
C ALA A 433 2.50 -1.11 -5.41
N PRO A 434 1.36 -0.83 -6.05
CA PRO A 434 1.08 0.55 -6.46
C PRO A 434 0.94 1.56 -5.31
N GLU A 435 0.50 1.06 -4.14
CA GLU A 435 0.33 1.92 -2.97
C GLU A 435 1.65 2.13 -2.25
N ILE A 436 2.50 1.12 -2.28
CA ILE A 436 3.79 1.23 -1.61
C ILE A 436 4.75 2.17 -2.34
N ILE A 437 4.76 2.12 -3.69
CA ILE A 437 5.66 2.93 -4.51
C ILE A 437 5.46 4.45 -4.46
N GLN A 438 4.27 4.91 -4.03
CA GLN A 438 4.10 6.37 -4.01
C GLN A 438 5.07 7.01 -3.02
N GLY A 439 5.09 6.48 -1.80
CA GLY A 439 5.96 6.99 -0.76
C GLY A 439 7.43 6.95 -1.12
N ILE A 440 7.84 5.91 -1.88
CA ILE A 440 9.26 5.90 -2.21
C ILE A 440 9.53 6.88 -3.36
N GLY A 441 8.50 7.21 -4.14
CA GLY A 441 8.67 8.17 -5.21
C GLY A 441 9.17 9.48 -4.62
N ILE A 442 8.66 9.83 -3.43
CA ILE A 442 9.06 11.04 -2.74
C ILE A 442 10.52 10.90 -2.31
N CYS A 443 10.90 9.71 -1.81
CA CYS A 443 12.27 9.46 -1.38
C CYS A 443 13.29 9.74 -2.47
N LEU A 444 13.02 9.27 -3.69
CA LEU A 444 13.97 9.52 -4.77
C LEU A 444 14.02 11.00 -5.10
N LYS A 445 12.92 11.69 -4.86
CA LYS A 445 12.88 13.12 -5.12
C LYS A 445 13.79 13.83 -4.12
N LEU A 446 13.99 13.18 -2.98
CA LEU A 446 14.83 13.68 -1.89
C LEU A 446 16.26 13.17 -1.99
N ASN A 447 16.57 12.47 -3.10
CA ASN A 447 17.86 11.89 -3.41
C ASN A 447 18.35 10.92 -2.33
N ALA A 448 17.45 10.08 -1.85
CA ALA A 448 17.76 9.11 -0.81
C ALA A 448 18.82 8.10 -1.27
N LYS A 449 19.58 7.62 -0.31
CA LYS A 449 20.64 6.63 -0.51
C LYS A 449 20.18 5.35 0.14
N ILE A 450 20.75 4.22 -0.26
CA ILE A 450 20.37 2.93 0.31
C ILE A 450 20.45 2.92 1.84
N SER A 451 21.43 3.63 2.39
CA SER A 451 21.57 3.70 3.83
C SER A 451 20.32 4.31 4.46
N ASP A 452 19.72 5.26 3.75
CA ASP A 452 18.51 5.91 4.23
C ASP A 452 17.37 4.91 4.32
N PHE A 453 17.32 3.95 3.39
CA PHE A 453 16.25 2.98 3.45
C PHE A 453 16.45 2.03 4.64
N TYR A 454 17.64 1.39 4.73
CA TYR A 454 17.77 0.47 5.86
C TYR A 454 17.97 1.04 7.25
N ASN A 455 18.06 2.37 7.37
CA ASN A 455 18.21 2.96 8.70
C ASN A 455 16.86 3.40 9.25
N THR A 456 15.79 3.09 8.50
CA THR A 456 14.41 3.39 8.89
C THR A 456 13.82 2.14 9.53
N ILE A 457 13.09 2.32 10.62
CA ILE A 457 12.49 1.16 11.26
C ILE A 457 11.28 0.74 10.45
N GLY A 458 11.15 -0.55 10.24
CA GLY A 458 10.03 -1.06 9.48
C GLY A 458 8.74 -1.20 10.25
N VAL A 459 7.64 -1.28 9.52
CA VAL A 459 6.32 -1.47 10.09
C VAL A 459 6.11 -2.97 9.98
N HIS A 460 5.96 -3.62 11.11
CA HIS A 460 5.80 -5.07 11.15
C HIS A 460 4.37 -5.42 11.56
N PRO A 461 3.71 -6.32 10.81
CA PRO A 461 4.19 -7.01 9.62
C PRO A 461 3.58 -6.47 8.33
N THR A 462 4.42 -6.20 7.34
CA THR A 462 3.95 -5.69 6.06
C THR A 462 4.94 -6.06 4.98
N SER A 463 4.50 -6.03 3.72
CA SER A 463 5.40 -6.31 2.61
C SER A 463 6.39 -5.16 2.45
N ALA A 464 5.92 -3.93 2.71
CA ALA A 464 6.70 -2.71 2.60
C ALA A 464 7.96 -2.63 3.47
N GLU A 465 7.93 -3.27 4.64
CA GLU A 465 9.08 -3.21 5.53
C GLU A 465 10.35 -3.85 4.97
N GLU A 466 10.20 -4.75 3.97
CA GLU A 466 11.30 -5.45 3.32
C GLU A 466 12.27 -4.54 2.58
N LEU A 467 11.81 -3.35 2.16
CA LEU A 467 12.62 -2.36 1.46
C LEU A 467 13.64 -1.72 2.40
N CYS A 468 13.37 -1.80 3.71
CA CYS A 468 14.21 -1.26 4.76
C CYS A 468 15.09 -2.35 5.38
N SER A 469 15.07 -3.54 4.76
CA SER A 469 15.87 -4.65 5.27
C SER A 469 16.91 -5.13 4.26
N MET A 470 17.17 -4.34 3.21
CA MET A 470 18.16 -4.75 2.22
C MET A 470 19.44 -3.95 2.43
N ARG A 471 20.42 -4.59 3.06
CA ARG A 471 21.69 -3.96 3.39
C ARG A 471 22.89 -4.33 2.51
N THR A 472 22.87 -5.53 1.91
CA THR A 472 23.97 -6.00 1.06
C THR A 472 23.53 -6.27 -0.39
N PRO A 473 24.29 -5.75 -1.37
CA PRO A 473 23.96 -5.95 -2.78
C PRO A 473 24.08 -7.44 -3.14
N SER A 474 23.36 -7.87 -4.19
CA SER A 474 23.38 -9.26 -4.63
C SER A 474 24.44 -9.46 -5.71
N TYR A 475 24.64 -8.41 -6.53
CA TYR A 475 25.61 -8.37 -7.61
C TYR A 475 25.80 -6.91 -8.00
N TYR A 476 26.81 -6.65 -8.80
CA TYR A 476 27.08 -5.29 -9.23
C TYR A 476 27.28 -5.27 -10.73
N TYR A 477 27.40 -4.09 -11.27
CA TYR A 477 27.62 -3.78 -12.66
C TYR A 477 28.80 -2.82 -12.70
N VAL A 478 29.92 -3.32 -13.16
CA VAL A 478 31.15 -2.55 -13.27
C VAL A 478 31.40 -2.38 -14.75
N LYS A 479 31.27 -1.15 -15.22
CA LYS A 479 31.45 -0.79 -16.62
C LYS A 479 30.64 -1.71 -17.52
N GLY A 480 29.39 -1.96 -17.11
CA GLY A 480 28.52 -2.83 -17.87
C GLY A 480 28.71 -4.32 -17.69
N GLU A 481 29.80 -4.71 -17.03
CA GLU A 481 30.01 -6.15 -16.82
C GLU A 481 29.43 -6.51 -15.46
N LYS A 482 28.79 -7.66 -15.38
CA LYS A 482 28.23 -8.09 -14.11
C LYS A 482 29.32 -8.71 -13.26
N MET A 483 29.38 -8.33 -11.99
CA MET A 483 30.40 -8.86 -11.09
C MET A 483 29.86 -9.09 -9.68
N GLU A 484 30.58 -9.90 -8.94
CA GLU A 484 30.22 -10.25 -7.57
C GLU A 484 31.46 -10.22 -6.71
N LYS A 485 31.24 -10.36 -5.42
CA LYS A 485 32.30 -10.41 -4.43
C LYS A 485 32.52 -11.88 -4.11
N PRO A 486 33.79 -12.33 -4.04
CA PRO A 486 34.08 -13.74 -3.74
C PRO A 486 33.85 -14.13 -2.28
N ILE B 4 32.17 -18.56 30.81
CA ILE B 4 32.21 -19.65 29.80
C ILE B 4 31.55 -19.12 28.53
N PHE B 5 30.45 -18.39 28.70
CA PHE B 5 29.81 -17.80 27.53
C PHE B 5 30.19 -16.33 27.55
N ASP B 6 30.27 -15.72 26.38
CA ASP B 6 30.60 -14.30 26.26
C ASP B 6 29.38 -13.46 26.59
N LEU B 7 28.23 -13.93 26.17
CA LEU B 7 26.97 -13.24 26.40
C LEU B 7 25.86 -14.25 26.68
N VAL B 8 25.01 -13.90 27.61
CA VAL B 8 23.87 -14.74 27.95
C VAL B 8 22.65 -13.86 27.75
N VAL B 9 21.73 -14.32 26.93
CA VAL B 9 20.49 -13.62 26.62
C VAL B 9 19.32 -14.30 27.34
N ILE B 10 18.63 -13.54 28.15
CA ILE B 10 17.48 -14.10 28.85
C ILE B 10 16.25 -13.71 28.03
N GLY B 11 15.74 -14.63 27.22
CA GLY B 11 14.58 -14.35 26.40
C GLY B 11 14.90 -14.50 24.92
N ALA B 12 14.35 -15.53 24.29
CA ALA B 12 14.58 -15.76 22.88
C ALA B 12 13.49 -15.15 22.01
N GLY B 13 13.30 -13.81 22.16
CA GLY B 13 12.28 -13.13 21.38
C GLY B 13 12.86 -12.30 20.25
N SER B 14 12.06 -11.37 19.71
CA SER B 14 12.44 -10.47 18.61
C SER B 14 13.80 -9.81 18.83
N GLY B 15 14.01 -9.24 20.02
CA GLY B 15 15.27 -8.58 20.34
C GLY B 15 16.36 -9.55 20.75
N GLY B 16 15.99 -10.52 21.60
CA GLY B 16 16.95 -11.50 22.08
C GLY B 16 17.67 -12.27 20.98
N LEU B 17 16.89 -12.89 20.09
CA LEU B 17 17.39 -13.67 18.96
C LEU B 17 18.23 -12.81 18.03
N GLU B 18 17.83 -11.53 17.83
CA GLU B 18 18.57 -10.62 16.98
C GLU B 18 19.98 -10.39 17.54
N ALA B 19 20.05 -10.15 18.85
CA ALA B 19 21.33 -9.93 19.49
C ALA B 19 22.18 -11.21 19.47
N ALA B 20 21.59 -12.31 19.90
CA ALA B 20 22.29 -13.59 19.93
C ALA B 20 22.81 -13.98 18.55
N TRP B 21 22.04 -13.68 17.52
CA TRP B 21 22.47 -14.03 16.17
C TRP B 21 23.69 -13.25 15.71
N ASN B 22 23.54 -11.93 15.49
CA ASN B 22 24.75 -11.27 15.00
C ASN B 22 25.93 -11.18 15.95
N ALA B 23 25.69 -11.43 17.26
CA ALA B 23 26.83 -11.41 18.17
C ALA B 23 27.69 -12.63 17.86
N ALA B 24 27.04 -13.81 17.76
CA ALA B 24 27.72 -15.06 17.45
C ALA B 24 28.24 -15.05 16.02
N THR B 25 27.48 -14.44 15.13
CA THR B 25 27.87 -14.33 13.74
C THR B 25 28.91 -13.23 13.55
N LEU B 26 28.47 -12.00 13.42
CA LEU B 26 29.34 -10.86 13.19
C LEU B 26 30.51 -10.71 14.16
N TYR B 27 30.37 -11.24 15.36
CA TYR B 27 31.49 -11.02 16.26
C TYR B 27 32.11 -12.31 16.80
N LYS B 28 31.64 -13.46 16.29
CA LYS B 28 32.14 -14.77 16.70
C LYS B 28 32.18 -15.01 18.21
N LYS B 29 31.19 -14.48 18.94
CA LYS B 29 31.11 -14.65 20.40
C LYS B 29 30.30 -15.88 20.76
N ARG B 30 30.59 -16.47 21.93
CA ARG B 30 29.85 -17.64 22.35
C ARG B 30 28.64 -17.15 23.16
N VAL B 31 27.46 -17.37 22.62
CA VAL B 31 26.18 -16.96 23.19
C VAL B 31 25.29 -18.11 23.62
N ALA B 32 24.62 -17.89 24.73
CA ALA B 32 23.66 -18.79 25.37
C ALA B 32 22.34 -18.03 25.38
N VAL B 33 21.28 -18.66 24.90
CA VAL B 33 19.96 -18.04 24.84
C VAL B 33 19.01 -18.90 25.65
N ILE B 34 18.23 -18.27 26.53
CA ILE B 34 17.28 -18.98 27.38
C ILE B 34 15.83 -18.60 27.09
N ASP B 35 14.92 -19.58 27.16
CA ASP B 35 13.48 -19.42 26.95
C ASP B 35 12.75 -20.63 27.52
N VAL B 36 11.66 -20.36 28.19
CA VAL B 36 10.77 -21.29 28.87
C VAL B 36 10.04 -22.32 28.01
N GLN B 37 9.87 -22.05 26.71
CA GLN B 37 9.12 -23.01 25.89
C GLN B 37 9.69 -23.00 24.49
N MET B 38 9.63 -24.16 23.80
CA MET B 38 10.14 -24.32 22.44
C MET B 38 9.07 -24.22 21.35
N VAL B 39 7.85 -24.56 21.69
CA VAL B 39 6.73 -24.49 20.77
C VAL B 39 5.69 -23.59 21.43
N HIS B 40 4.89 -22.93 20.64
CA HIS B 40 3.85 -22.01 21.07
C HIS B 40 2.70 -22.71 21.81
N GLY B 41 1.91 -21.91 22.55
CA GLY B 41 0.76 -22.46 23.25
C GLY B 41 0.85 -22.63 24.74
N PRO B 42 -0.24 -23.07 25.38
CA PRO B 42 -0.30 -23.30 26.83
C PRO B 42 0.87 -24.29 27.02
N PRO B 43 1.54 -24.25 28.19
CA PRO B 43 1.27 -23.35 29.30
C PRO B 43 1.79 -21.94 29.32
N PHE B 44 2.96 -21.75 28.72
CA PHE B 44 3.60 -20.44 28.77
C PHE B 44 3.27 -19.51 27.60
N PHE B 45 2.52 -20.00 26.63
CA PHE B 45 2.10 -19.26 25.45
C PHE B 45 3.25 -18.78 24.57
N SER B 46 4.06 -17.89 25.11
CA SER B 46 5.21 -17.41 24.35
C SER B 46 6.22 -18.57 24.37
N ALA B 47 7.18 -18.53 23.48
CA ALA B 47 8.17 -19.58 23.39
C ALA B 47 9.30 -19.08 22.52
N LEU B 48 10.09 -20.00 21.99
CA LEU B 48 11.19 -19.70 21.11
C LEU B 48 10.63 -18.89 19.94
N GLY B 49 11.12 -17.67 19.79
CA GLY B 49 10.64 -16.79 18.75
C GLY B 49 10.07 -15.53 19.38
N GLY B 50 9.55 -15.66 20.61
CA GLY B 50 9.01 -14.51 21.30
C GLY B 50 7.51 -14.31 21.17
N THR B 51 7.04 -13.18 21.68
CA THR B 51 5.64 -12.79 21.67
C THR B 51 5.12 -12.56 20.26
N CYS B 52 5.83 -11.74 19.45
CA CYS B 52 5.40 -11.45 18.08
C CYS B 52 5.07 -12.73 17.31
N VAL B 53 6.02 -13.63 17.29
CA VAL B 53 5.88 -14.89 16.60
C VAL B 53 4.82 -15.84 17.17
N ASN B 54 4.82 -16.01 18.46
CA ASN B 54 3.87 -16.94 19.06
C ASN B 54 2.46 -16.44 19.36
N VAL B 55 2.36 -15.28 20.03
CA VAL B 55 1.07 -14.68 20.39
C VAL B 55 1.05 -13.18 20.13
N GLY B 56 1.50 -12.75 18.93
CA GLY B 56 1.53 -11.35 18.59
C GLY B 56 1.28 -11.03 17.13
N CYS B 57 2.19 -10.27 16.51
CA CYS B 57 2.12 -9.84 15.12
C CYS B 57 1.76 -10.92 14.10
N VAL B 58 2.56 -12.00 14.07
CA VAL B 58 2.33 -13.08 13.11
C VAL B 58 0.94 -13.70 13.23
N PRO B 59 0.59 -14.34 14.37
CA PRO B 59 -0.75 -14.91 14.43
C PRO B 59 -1.92 -13.93 14.30
N LYS B 60 -1.75 -12.70 14.85
CA LYS B 60 -2.90 -11.81 14.69
C LYS B 60 -3.07 -11.33 13.25
N LYS B 61 -1.96 -11.17 12.53
CA LYS B 61 -2.01 -10.71 11.14
C LYS B 61 -2.75 -11.74 10.27
N LEU B 62 -2.49 -13.04 10.49
CA LEU B 62 -3.18 -14.06 9.71
C LEU B 62 -4.68 -14.02 10.01
N MET B 63 -5.01 -13.77 11.27
CA MET B 63 -6.41 -13.71 11.66
C MET B 63 -7.12 -12.47 11.15
N VAL B 64 -6.40 -11.34 11.07
CA VAL B 64 -7.03 -10.12 10.56
C VAL B 64 -7.31 -10.28 9.06
N THR B 65 -6.41 -11.00 8.37
CA THR B 65 -6.58 -11.26 6.94
C THR B 65 -7.85 -12.09 6.77
N GLY B 66 -8.04 -13.06 7.69
CA GLY B 66 -9.22 -13.91 7.65
C GLY B 66 -10.49 -13.11 7.86
N ALA B 67 -10.45 -12.20 8.83
CA ALA B 67 -11.63 -11.37 9.12
C ALA B 67 -11.96 -10.43 7.96
N GLN B 68 -10.93 -9.98 7.24
CA GLN B 68 -11.09 -9.08 6.11
C GLN B 68 -11.91 -9.71 4.97
N TYR B 69 -11.96 -11.04 4.92
CA TYR B 69 -12.75 -11.64 3.86
C TYR B 69 -14.25 -11.39 4.00
N MET B 70 -14.73 -11.03 5.21
CA MET B 70 -16.16 -10.75 5.33
C MET B 70 -16.49 -9.53 4.46
N GLU B 71 -15.53 -8.62 4.39
CA GLU B 71 -15.65 -7.39 3.62
C GLU B 71 -15.68 -7.71 2.12
N HIS B 72 -14.65 -8.47 1.63
CA HIS B 72 -14.55 -8.86 0.22
C HIS B 72 -15.76 -9.62 -0.29
N LEU B 73 -16.22 -10.63 0.49
CA LEU B 73 -17.38 -11.45 0.13
C LEU B 73 -18.63 -10.58 -0.07
N ARG B 74 -18.82 -9.64 0.81
CA ARG B 74 -19.95 -8.73 0.77
C ARG B 74 -19.82 -7.74 -0.38
N GLU B 75 -18.68 -7.06 -0.42
CA GLU B 75 -18.32 -6.04 -1.40
C GLU B 75 -18.20 -6.56 -2.84
N SER B 76 -17.91 -7.86 -3.01
CA SER B 76 -17.80 -8.43 -4.34
C SER B 76 -19.08 -8.29 -5.15
N ALA B 77 -20.21 -8.28 -4.47
CA ALA B 77 -21.51 -8.15 -5.09
C ALA B 77 -21.61 -6.90 -5.96
N GLY B 78 -20.99 -5.81 -5.51
CA GLY B 78 -21.03 -4.56 -6.25
C GLY B 78 -20.40 -4.61 -7.63
N PHE B 79 -19.48 -5.57 -7.85
CA PHE B 79 -18.78 -5.73 -9.13
C PHE B 79 -19.31 -6.92 -9.93
N GLY B 80 -20.52 -7.35 -9.61
CA GLY B 80 -21.13 -8.45 -10.31
C GLY B 80 -20.81 -9.86 -9.86
N TRP B 81 -20.24 -10.00 -8.68
CA TRP B 81 -19.97 -11.38 -8.28
C TRP B 81 -21.14 -11.94 -7.49
N GLU B 82 -21.72 -13.03 -7.96
CA GLU B 82 -22.84 -13.59 -7.24
C GLU B 82 -22.64 -15.06 -6.90
N PHE B 83 -23.25 -15.48 -5.82
CA PHE B 83 -23.23 -16.85 -5.29
C PHE B 83 -24.32 -17.02 -4.24
N ASP B 84 -24.56 -18.26 -3.81
CA ASP B 84 -25.59 -18.53 -2.82
C ASP B 84 -25.11 -18.03 -1.46
N ARG B 85 -25.34 -16.75 -1.20
CA ARG B 85 -24.93 -16.12 0.04
C ARG B 85 -25.53 -16.72 1.33
N THR B 86 -26.53 -17.58 1.17
CA THR B 86 -27.11 -18.20 2.35
C THR B 86 -26.26 -19.37 2.81
N THR B 87 -25.35 -19.85 1.95
CA THR B 87 -24.47 -20.97 2.29
C THR B 87 -23.15 -20.52 2.91
N LEU B 88 -23.05 -19.22 3.18
CA LEU B 88 -21.83 -18.66 3.75
C LEU B 88 -21.70 -18.92 5.25
N ARG B 89 -20.56 -19.44 5.65
CA ARG B 89 -20.25 -19.75 7.04
C ARG B 89 -18.74 -19.68 7.25
N ALA B 90 -18.33 -19.13 8.38
CA ALA B 90 -16.92 -19.02 8.66
C ALA B 90 -16.51 -20.09 9.67
N GLU B 91 -15.40 -20.75 9.41
CA GLU B 91 -14.92 -21.79 10.31
C GLU B 91 -13.70 -21.39 11.13
N TRP B 92 -13.99 -20.98 12.36
CA TRP B 92 -12.99 -20.56 13.33
C TRP B 92 -11.93 -21.64 13.52
N LYS B 93 -12.35 -22.93 13.56
CA LYS B 93 -11.28 -23.91 13.76
C LYS B 93 -10.34 -24.07 12.56
N ASN B 94 -10.83 -23.78 11.34
CA ASN B 94 -9.85 -23.95 10.26
C ASN B 94 -8.83 -22.82 10.37
N LEU B 95 -9.32 -21.60 10.70
CA LEU B 95 -8.47 -20.44 10.86
C LEU B 95 -7.39 -20.75 11.90
N ILE B 96 -7.83 -21.19 13.08
CA ILE B 96 -6.93 -21.55 14.18
C ILE B 96 -5.96 -22.66 13.79
N ALA B 97 -6.46 -23.67 13.05
CA ALA B 97 -5.66 -24.80 12.59
C ALA B 97 -4.52 -24.33 11.69
N VAL B 98 -4.85 -23.49 10.69
CA VAL B 98 -3.80 -23.01 9.79
C VAL B 98 -2.81 -22.09 10.50
N LYS B 99 -3.30 -21.21 11.39
CA LYS B 99 -2.31 -20.36 12.03
C LYS B 99 -1.36 -21.16 12.91
N ASP B 100 -1.86 -22.23 13.58
CA ASP B 100 -1.02 -23.06 14.42
C ASP B 100 0.09 -23.70 13.60
N GLU B 101 -0.25 -24.09 12.39
CA GLU B 101 0.69 -24.70 11.47
C GLU B 101 1.80 -23.71 11.17
N ALA B 102 1.40 -22.54 10.67
CA ALA B 102 2.30 -21.44 10.30
C ALA B 102 3.21 -21.05 11.45
N VAL B 103 2.67 -20.94 12.67
CA VAL B 103 3.48 -20.57 13.82
C VAL B 103 4.48 -21.68 14.13
N LEU B 104 4.00 -22.92 14.16
CA LEU B 104 4.81 -24.09 14.47
C LEU B 104 6.00 -24.24 13.52
N ASN B 105 5.80 -23.88 12.28
CA ASN B 105 6.91 -23.99 11.34
C ASN B 105 7.99 -22.95 11.67
N ILE B 106 7.58 -21.78 12.17
CA ILE B 106 8.51 -20.73 12.54
C ILE B 106 9.29 -21.11 13.81
N ASN B 107 8.60 -21.78 14.77
CA ASN B 107 9.25 -22.23 16.00
C ASN B 107 10.39 -23.17 15.63
N LYS B 108 10.08 -24.13 14.74
CA LYS B 108 11.02 -25.13 14.25
C LYS B 108 12.20 -24.47 13.55
N SER B 109 11.90 -23.51 12.68
CA SER B 109 12.92 -22.79 11.94
C SER B 109 13.99 -22.22 12.89
N TYR B 110 13.56 -21.79 14.07
CA TYR B 110 14.52 -21.24 15.02
C TYR B 110 15.34 -22.33 15.70
N ASP B 111 14.69 -23.47 15.98
CA ASP B 111 15.40 -24.56 16.62
C ASP B 111 16.51 -25.05 15.68
N GLU B 112 16.17 -25.10 14.42
CA GLU B 112 17.04 -25.49 13.33
C GLU B 112 18.24 -24.55 13.35
N MET B 113 17.96 -23.25 13.53
CA MET B 113 18.96 -22.19 13.58
C MET B 113 20.03 -22.44 14.64
N PHE B 114 19.63 -22.88 15.82
CA PHE B 114 20.64 -23.11 16.86
C PHE B 114 21.61 -24.25 16.55
N ARG B 115 21.08 -25.35 16.01
CA ARG B 115 21.90 -26.51 15.68
C ARG B 115 22.93 -26.21 14.60
N ASP B 116 22.53 -25.40 13.66
CA ASP B 116 23.41 -25.08 12.55
C ASP B 116 24.33 -23.87 12.79
N THR B 117 24.18 -23.18 13.92
CA THR B 117 25.05 -22.03 14.14
C THR B 117 26.01 -22.30 15.30
N GLU B 118 27.30 -22.33 14.97
CA GLU B 118 28.34 -22.57 15.95
C GLU B 118 28.42 -21.37 16.90
N GLY B 119 28.61 -21.66 18.19
CA GLY B 119 28.73 -20.59 19.18
C GLY B 119 27.41 -20.05 19.66
N LEU B 120 26.31 -20.66 19.25
CA LEU B 120 24.97 -20.27 19.63
C LEU B 120 24.33 -21.48 20.29
N GLU B 121 24.00 -21.36 21.59
CA GLU B 121 23.39 -22.49 22.30
C GLU B 121 22.10 -22.11 23.02
N PHE B 122 21.08 -22.95 22.88
CA PHE B 122 19.77 -22.74 23.50
C PHE B 122 19.62 -23.54 24.79
N PHE B 123 19.14 -22.89 25.85
CA PHE B 123 18.90 -23.56 27.13
C PHE B 123 17.43 -23.41 27.53
N LEU B 124 16.69 -24.52 27.52
CA LEU B 124 15.28 -24.48 27.89
C LEU B 124 15.05 -24.33 29.39
N GLY B 125 14.21 -23.37 29.76
CA GLY B 125 13.93 -23.16 31.17
C GLY B 125 13.79 -21.70 31.54
N TRP B 126 13.87 -21.41 32.83
CA TRP B 126 13.73 -20.05 33.34
C TRP B 126 15.07 -19.51 33.82
N GLY B 127 15.44 -18.34 33.31
CA GLY B 127 16.70 -17.75 33.69
C GLY B 127 16.55 -16.69 34.77
N SER B 128 17.50 -16.63 35.69
CA SER B 128 17.49 -15.65 36.77
C SER B 128 18.92 -15.25 37.06
N LEU B 129 19.11 -14.03 37.50
CA LEU B 129 20.46 -13.62 37.81
C LEU B 129 20.87 -14.16 39.17
N GLU B 130 22.03 -14.81 39.27
CA GLU B 130 22.50 -15.29 40.57
C GLU B 130 23.42 -14.19 41.11
N SER B 131 24.20 -13.62 40.19
CA SER B 131 25.16 -12.54 40.43
C SER B 131 25.34 -11.84 39.10
N LYS B 132 26.03 -10.71 39.11
CA LYS B 132 26.22 -10.00 37.85
C LYS B 132 26.96 -10.84 36.80
N ASN B 133 27.55 -11.94 37.23
CA ASN B 133 28.26 -12.78 36.27
C ASN B 133 27.71 -14.20 36.23
N VAL B 134 26.74 -14.49 37.10
CA VAL B 134 26.17 -15.84 37.09
C VAL B 134 24.69 -15.79 36.78
N VAL B 135 24.26 -16.66 35.88
CA VAL B 135 22.90 -16.83 35.40
C VAL B 135 22.48 -18.27 35.68
N ASN B 136 21.29 -18.44 36.24
CA ASN B 136 20.82 -19.79 36.53
C ASN B 136 19.57 -20.09 35.73
N VAL B 137 19.46 -21.34 35.30
CA VAL B 137 18.34 -21.85 34.52
C VAL B 137 17.66 -22.89 35.41
N ARG B 138 16.50 -22.54 35.90
CA ARG B 138 15.73 -23.45 36.75
C ARG B 138 14.56 -24.00 35.98
N GLU B 139 13.84 -24.93 36.59
CA GLU B 139 12.67 -25.55 35.99
C GLU B 139 11.40 -24.75 36.21
N SER B 140 11.47 -23.70 37.02
CA SER B 140 10.27 -22.91 37.28
C SER B 140 10.60 -21.47 37.65
N ALA B 141 9.60 -20.62 37.53
CA ALA B 141 9.66 -19.21 37.84
C ALA B 141 9.96 -19.03 39.33
N ASP B 142 9.64 -20.06 40.12
CA ASP B 142 9.85 -20.07 41.56
C ASP B 142 11.33 -20.34 41.82
N PRO B 143 12.06 -19.35 42.38
CA PRO B 143 13.48 -19.53 42.66
C PRO B 143 13.97 -20.61 43.61
N ALA B 144 13.13 -21.61 43.86
CA ALA B 144 13.43 -22.74 44.70
C ALA B 144 13.39 -24.03 43.87
N SER B 145 13.16 -23.86 42.57
CA SER B 145 13.11 -25.01 41.68
C SER B 145 14.52 -25.49 41.33
N ALA B 146 14.62 -26.72 40.85
CA ALA B 146 15.88 -27.34 40.51
C ALA B 146 16.73 -26.60 39.48
N VAL B 147 17.95 -26.25 39.88
CA VAL B 147 18.86 -25.58 38.97
C VAL B 147 19.31 -26.64 37.97
N LYS B 148 18.94 -26.45 36.72
CA LYS B 148 19.26 -27.31 35.60
C LYS B 148 20.63 -26.91 35.04
N GLU B 149 20.88 -25.60 35.04
CA GLU B 149 22.13 -25.08 34.53
C GLU B 149 22.55 -23.85 35.32
N ARG B 150 23.84 -23.60 35.33
CA ARG B 150 24.49 -22.48 35.99
C ARG B 150 25.48 -21.96 34.95
N LEU B 151 25.45 -20.66 34.69
CA LEU B 151 26.34 -20.12 33.67
C LEU B 151 27.06 -18.87 34.15
N GLU B 152 28.33 -18.78 33.80
CA GLU B 152 29.09 -17.59 34.16
C GLU B 152 29.46 -16.88 32.87
N THR B 153 29.09 -15.63 32.80
CA THR B 153 29.34 -14.78 31.64
C THR B 153 29.74 -13.38 32.08
N GLU B 154 30.48 -12.71 31.21
CA GLU B 154 30.91 -11.35 31.53
C GLU B 154 29.82 -10.39 31.04
N HIS B 155 28.89 -10.88 30.20
CA HIS B 155 27.83 -10.02 29.68
C HIS B 155 26.46 -10.68 29.76
N ILE B 156 25.49 -9.91 30.22
CA ILE B 156 24.13 -10.42 30.32
C ILE B 156 23.19 -9.46 29.60
N LEU B 157 22.24 -10.01 28.86
CA LEU B 157 21.26 -9.19 28.17
C LEU B 157 19.88 -9.64 28.62
N LEU B 158 19.09 -8.71 29.11
CA LEU B 158 17.73 -8.92 29.59
C LEU B 158 16.79 -8.56 28.45
N ALA B 159 15.89 -9.48 28.10
CA ALA B 159 14.93 -9.26 27.03
C ALA B 159 13.69 -10.11 27.26
N SER B 160 13.28 -10.19 28.50
CA SER B 160 12.13 -10.95 28.98
C SER B 160 10.78 -10.50 28.44
N GLY B 161 10.75 -9.31 27.84
CA GLY B 161 9.51 -8.80 27.27
C GLY B 161 8.47 -8.35 28.29
N SER B 162 7.21 -8.37 27.87
CA SER B 162 6.09 -7.97 28.70
C SER B 162 5.06 -9.10 28.82
N TRP B 163 4.01 -8.84 29.59
CA TRP B 163 2.95 -9.79 29.87
C TRP B 163 1.65 -9.01 30.12
N PRO B 164 0.49 -9.60 29.78
CA PRO B 164 -0.77 -8.89 29.99
C PRO B 164 -1.05 -8.41 31.41
N HIS B 165 -1.70 -7.27 31.52
CA HIS B 165 -2.00 -6.80 32.85
C HIS B 165 -3.46 -7.07 33.17
N MET B 166 -3.70 -7.99 34.10
CA MET B 166 -5.05 -8.33 34.52
C MET B 166 -5.37 -7.53 35.77
N PRO B 167 -6.43 -6.72 35.74
CA PRO B 167 -6.79 -5.93 36.91
C PRO B 167 -7.30 -6.71 38.13
N ASN B 168 -7.11 -6.17 39.32
CA ASN B 168 -7.57 -6.85 40.53
C ASN B 168 -9.02 -6.54 40.83
N ILE B 169 -9.91 -7.24 40.15
CA ILE B 169 -11.33 -7.04 40.36
C ILE B 169 -11.92 -8.40 40.71
N PRO B 170 -13.04 -8.40 41.44
CA PRO B 170 -13.65 -9.68 41.80
C PRO B 170 -14.18 -10.40 40.55
N GLY B 171 -13.70 -11.64 40.33
CA GLY B 171 -14.15 -12.40 39.18
C GLY B 171 -13.21 -12.43 37.99
N ILE B 172 -12.05 -11.78 38.12
CA ILE B 172 -11.04 -11.72 37.06
C ILE B 172 -10.57 -13.10 36.60
N GLU B 173 -10.96 -14.14 37.34
CA GLU B 173 -10.57 -15.50 36.97
C GLU B 173 -11.48 -16.07 35.87
N HIS B 174 -12.52 -15.30 35.49
CA HIS B 174 -13.48 -15.69 34.44
C HIS B 174 -13.19 -14.93 33.16
N CYS B 175 -12.10 -14.17 33.16
CA CYS B 175 -11.65 -13.35 32.05
C CYS B 175 -10.36 -13.90 31.47
N ILE B 176 -10.10 -13.59 30.21
CA ILE B 176 -8.88 -14.07 29.58
C ILE B 176 -8.09 -12.87 29.08
N SER B 177 -6.92 -13.10 28.53
CA SER B 177 -6.09 -12.05 27.96
C SER B 177 -5.96 -12.40 26.49
N SER B 178 -5.17 -11.64 25.76
CA SER B 178 -4.98 -11.93 24.35
C SER B 178 -4.32 -13.31 24.11
N ASN B 179 -3.59 -13.80 25.11
CA ASN B 179 -2.92 -15.10 25.01
C ASN B 179 -3.89 -16.25 24.73
N GLU B 180 -4.92 -16.33 25.53
CA GLU B 180 -5.94 -17.37 25.40
C GLU B 180 -6.76 -17.24 24.12
N ALA B 181 -6.99 -15.99 23.70
CA ALA B 181 -7.76 -15.70 22.50
C ALA B 181 -7.31 -16.48 21.28
N PHE B 182 -5.99 -16.62 21.10
CA PHE B 182 -5.38 -17.35 19.99
C PHE B 182 -5.63 -18.84 20.00
N TYR B 183 -6.15 -19.36 21.11
CA TYR B 183 -6.39 -20.79 21.24
C TYR B 183 -7.85 -21.17 21.52
N LEU B 184 -8.77 -20.21 21.39
CA LEU B 184 -10.17 -20.54 21.66
C LEU B 184 -10.64 -21.62 20.69
N PRO B 185 -11.36 -22.64 21.21
CA PRO B 185 -11.85 -23.71 20.34
C PRO B 185 -13.05 -23.36 19.45
N GLU B 186 -13.91 -22.47 19.94
CA GLU B 186 -15.08 -21.99 19.20
C GLU B 186 -15.21 -20.48 19.38
N PRO B 187 -15.77 -19.78 18.38
CA PRO B 187 -15.93 -18.33 18.47
C PRO B 187 -17.11 -17.92 19.35
N PRO B 188 -16.88 -16.95 20.26
CA PRO B 188 -17.95 -16.49 21.17
C PRO B 188 -19.14 -15.86 20.48
N ARG B 189 -20.31 -16.12 21.04
CA ARG B 189 -21.58 -15.59 20.57
C ARG B 189 -21.57 -14.10 20.95
N ARG B 190 -21.35 -13.85 22.23
CA ARG B 190 -21.30 -12.49 22.76
C ARG B 190 -19.93 -12.34 23.39
N VAL B 191 -19.18 -11.36 22.95
CA VAL B 191 -17.86 -11.16 23.53
C VAL B 191 -17.69 -9.70 23.95
N LEU B 192 -17.00 -9.50 25.07
CA LEU B 192 -16.70 -8.17 25.60
C LEU B 192 -15.19 -8.04 25.60
N THR B 193 -14.67 -7.03 24.91
CA THR B 193 -13.25 -6.75 24.86
C THR B 193 -13.10 -5.48 25.69
N VAL B 194 -12.25 -5.52 26.71
CA VAL B 194 -12.03 -4.40 27.61
C VAL B 194 -10.75 -3.65 27.30
N GLY B 195 -10.89 -2.41 26.82
CA GLY B 195 -9.72 -1.61 26.49
C GLY B 195 -9.86 -0.89 25.17
N GLY B 196 -9.28 0.31 25.08
CA GLY B 196 -9.37 1.08 23.86
C GLY B 196 -8.11 1.02 23.03
N GLY B 197 -7.15 0.20 23.47
CA GLY B 197 -5.88 0.04 22.77
C GLY B 197 -6.01 -0.76 21.49
N PHE B 198 -4.91 -0.93 20.79
CA PHE B 198 -4.86 -1.63 19.52
C PHE B 198 -5.18 -3.10 19.64
N ILE B 199 -4.71 -3.76 20.71
CA ILE B 199 -5.00 -5.19 20.85
C ILE B 199 -6.50 -5.44 20.97
N SER B 200 -7.18 -4.55 21.71
CA SER B 200 -8.63 -4.66 21.91
C SER B 200 -9.37 -4.40 20.59
N VAL B 201 -9.00 -3.31 19.88
CA VAL B 201 -9.63 -2.95 18.60
C VAL B 201 -9.41 -4.01 17.52
N GLU B 202 -8.20 -4.54 17.41
CA GLU B 202 -7.93 -5.57 16.41
C GLU B 202 -8.74 -6.83 16.67
N PHE B 203 -8.72 -7.31 17.92
CA PHE B 203 -9.48 -8.52 18.25
C PHE B 203 -10.98 -8.35 18.11
N ALA B 204 -11.48 -7.13 18.34
CA ALA B 204 -12.91 -6.92 18.16
C ALA B 204 -13.29 -7.15 16.69
N GLY B 205 -12.44 -6.71 15.74
CA GLY B 205 -12.72 -6.92 14.34
C GLY B 205 -12.64 -8.40 13.95
N ILE B 206 -11.74 -9.14 14.61
CA ILE B 206 -11.59 -10.57 14.34
C ILE B 206 -12.84 -11.32 14.83
N PHE B 207 -13.24 -11.03 16.09
CA PHE B 207 -14.41 -11.68 16.66
C PHE B 207 -15.66 -11.30 15.87
N ASN B 208 -15.74 -10.05 15.44
CA ASN B 208 -16.90 -9.60 14.68
C ASN B 208 -17.07 -10.36 13.37
N ALA B 209 -15.97 -10.76 12.75
CA ALA B 209 -16.13 -11.47 11.49
C ALA B 209 -16.46 -12.95 11.66
N TYR B 210 -15.92 -13.57 12.71
CA TYR B 210 -16.19 -14.99 12.91
C TYR B 210 -17.27 -15.27 13.93
N LYS B 211 -18.05 -14.25 14.30
CA LYS B 211 -19.09 -14.49 15.30
C LYS B 211 -20.21 -15.32 14.69
N PRO B 212 -20.84 -16.18 15.52
CA PRO B 212 -21.93 -17.02 15.03
C PRO B 212 -23.21 -16.22 14.76
N LYS B 213 -24.13 -16.84 14.06
CA LYS B 213 -25.46 -16.40 13.63
C LYS B 213 -26.00 -15.17 14.37
N ASP B 214 -26.32 -15.33 15.67
CA ASP B 214 -26.87 -14.19 16.42
C ASP B 214 -25.85 -13.62 17.41
N GLY B 215 -24.63 -13.43 16.95
CA GLY B 215 -23.58 -12.91 17.82
C GLY B 215 -23.54 -11.41 17.93
N GLN B 216 -22.75 -10.92 18.88
CA GLN B 216 -22.57 -9.50 19.13
C GLN B 216 -21.22 -9.25 19.78
N VAL B 217 -20.50 -8.23 19.30
CA VAL B 217 -19.20 -7.89 19.84
C VAL B 217 -19.31 -6.53 20.50
N THR B 218 -18.83 -6.44 21.74
CA THR B 218 -18.85 -5.21 22.53
C THR B 218 -17.42 -4.87 22.95
N LEU B 219 -17.08 -3.62 22.86
CA LEU B 219 -15.78 -3.06 23.20
C LEU B 219 -16.06 -2.01 24.25
N CYS B 220 -15.40 -2.08 25.40
CA CYS B 220 -15.69 -1.00 26.35
C CYS B 220 -14.39 -0.32 26.73
N TYR B 221 -14.47 0.94 27.02
CA TYR B 221 -13.27 1.67 27.38
C TYR B 221 -13.61 2.74 28.41
N ARG B 222 -12.75 2.85 29.43
CA ARG B 222 -12.81 3.79 30.54
C ARG B 222 -12.80 5.23 30.06
N GLY B 223 -12.04 5.48 29.02
CA GLY B 223 -11.93 6.82 28.48
C GLY B 223 -13.11 7.27 27.64
N GLU B 224 -12.98 8.43 27.05
CA GLU B 224 -14.04 9.00 26.25
C GLU B 224 -14.01 8.52 24.80
N MET B 225 -12.85 8.08 24.34
CA MET B 225 -12.72 7.63 22.96
C MET B 225 -11.56 6.64 22.85
N ILE B 226 -11.71 5.64 21.98
CA ILE B 226 -10.72 4.59 21.74
C ILE B 226 -9.45 5.13 21.11
N LEU B 227 -8.41 4.31 21.12
CA LEU B 227 -7.09 4.58 20.56
C LEU B 227 -6.45 5.87 21.04
N ARG B 228 -6.39 6.03 22.37
CA ARG B 228 -5.78 7.19 22.98
C ARG B 228 -4.33 7.24 22.50
N GLY B 229 -3.86 8.43 22.17
CA GLY B 229 -2.51 8.59 21.68
C GLY B 229 -2.49 8.70 20.17
N PHE B 230 -3.64 8.40 19.55
CA PHE B 230 -3.73 8.49 18.09
C PHE B 230 -4.44 9.78 17.70
N ASP B 231 -4.26 10.19 16.46
CA ASP B 231 -4.86 11.40 15.93
C ASP B 231 -6.36 11.40 16.15
N HIS B 232 -6.86 12.47 16.73
CA HIS B 232 -8.27 12.63 17.04
C HIS B 232 -9.23 12.38 15.88
N THR B 233 -8.87 12.80 14.67
CA THR B 233 -9.75 12.56 13.53
C THR B 233 -9.86 11.06 13.26
N LEU B 234 -8.73 10.37 13.31
CA LEU B 234 -8.71 8.94 13.07
C LEU B 234 -9.49 8.20 14.15
N ARG B 235 -9.41 8.70 15.40
CA ARG B 235 -10.16 8.06 16.47
C ARG B 235 -11.67 8.16 16.23
N GLU B 236 -12.14 9.37 15.92
CA GLU B 236 -13.55 9.63 15.66
C GLU B 236 -14.07 8.84 14.47
N GLU B 237 -13.35 8.91 13.37
CA GLU B 237 -13.71 8.23 12.13
C GLU B 237 -13.70 6.70 12.22
N LEU B 238 -12.70 6.14 12.89
CA LEU B 238 -12.63 4.69 13.04
C LEU B 238 -13.82 4.21 13.86
N THR B 239 -14.16 4.95 14.91
CA THR B 239 -15.30 4.60 15.76
C THR B 239 -16.57 4.43 14.92
N LYS B 240 -16.82 5.40 14.02
CA LYS B 240 -18.00 5.37 13.14
C LYS B 240 -17.98 4.15 12.23
N GLN B 241 -16.81 3.79 11.75
CA GLN B 241 -16.73 2.64 10.87
C GLN B 241 -16.82 1.29 11.58
N LEU B 242 -16.32 1.19 12.83
CA LEU B 242 -16.44 -0.07 13.56
C LEU B 242 -17.91 -0.28 13.92
N THR B 243 -18.57 0.82 14.34
CA THR B 243 -19.98 0.84 14.69
C THR B 243 -20.81 0.44 13.47
N ALA B 244 -20.49 1.03 12.31
CA ALA B 244 -21.24 0.72 11.10
C ALA B 244 -21.16 -0.76 10.79
N ASN B 245 -20.06 -1.42 11.19
CA ASN B 245 -19.97 -2.85 10.90
C ASN B 245 -20.58 -3.73 11.99
N GLY B 246 -21.42 -3.15 12.86
CA GLY B 246 -22.07 -3.93 13.90
C GLY B 246 -21.35 -4.07 15.24
N ILE B 247 -20.18 -3.45 15.38
CA ILE B 247 -19.48 -3.55 16.65
C ILE B 247 -20.05 -2.52 17.62
N GLN B 248 -20.26 -2.93 18.87
CA GLN B 248 -20.82 -2.07 19.90
C GLN B 248 -19.72 -1.49 20.79
N ILE B 249 -19.57 -0.18 20.76
CA ILE B 249 -18.56 0.53 21.53
C ILE B 249 -19.18 1.32 22.67
N LEU B 250 -18.83 0.95 23.89
CA LEU B 250 -19.24 1.53 25.16
C LEU B 250 -18.09 2.34 25.73
N THR B 251 -18.22 3.65 25.64
CA THR B 251 -17.17 4.49 26.17
C THR B 251 -17.57 4.96 27.56
N LYS B 252 -16.57 5.24 28.39
CA LYS B 252 -16.69 5.67 29.77
C LYS B 252 -17.37 4.60 30.63
N GLU B 253 -17.05 3.34 30.33
CA GLU B 253 -17.56 2.15 31.01
C GLU B 253 -16.38 1.30 31.45
N ASN B 254 -16.46 0.74 32.63
CA ASN B 254 -15.35 -0.08 33.11
C ASN B 254 -15.90 -1.15 34.03
N PRO B 255 -15.59 -2.44 33.78
CA PRO B 255 -16.10 -3.48 34.66
C PRO B 255 -15.65 -3.42 36.11
N ALA B 256 -16.58 -3.72 36.99
CA ALA B 256 -16.36 -3.73 38.43
C ALA B 256 -16.22 -5.16 38.93
N LYS B 257 -17.12 -6.05 38.46
CA LYS B 257 -17.10 -7.45 38.86
C LYS B 257 -17.63 -8.34 37.74
N VAL B 258 -17.18 -9.59 37.73
CA VAL B 258 -17.56 -10.60 36.75
C VAL B 258 -18.01 -11.86 37.47
N GLU B 259 -19.30 -12.10 37.47
CA GLU B 259 -19.87 -13.26 38.13
C GLU B 259 -20.21 -14.34 37.11
N LEU B 260 -19.75 -15.55 37.34
CA LEU B 260 -20.08 -16.63 36.42
C LEU B 260 -21.52 -16.99 36.78
N ASN B 261 -22.37 -17.10 35.78
CA ASN B 261 -23.75 -17.40 36.11
C ASN B 261 -24.25 -18.66 35.43
N ALA B 262 -25.13 -19.37 36.14
CA ALA B 262 -25.86 -20.60 35.85
C ALA B 262 -25.42 -21.35 34.58
N ASP B 263 -25.91 -20.90 33.42
CA ASP B 263 -25.66 -21.48 32.10
C ASP B 263 -24.20 -21.45 31.67
N GLY B 264 -23.34 -20.89 32.50
CA GLY B 264 -21.92 -20.82 32.17
C GLY B 264 -21.52 -19.50 31.54
N SER B 265 -22.48 -18.58 31.41
CA SER B 265 -22.16 -17.29 30.84
C SER B 265 -21.61 -16.42 31.97
N LYS B 266 -21.26 -15.19 31.65
CA LYS B 266 -20.75 -14.32 32.70
C LYS B 266 -21.60 -13.07 32.78
N SER B 267 -21.91 -12.66 33.96
CA SER B 267 -22.68 -11.46 34.16
C SER B 267 -21.62 -10.43 34.52
N VAL B 268 -21.57 -9.34 33.80
CA VAL B 268 -20.59 -8.31 34.07
C VAL B 268 -21.28 -7.09 34.61
N THR B 269 -20.79 -6.58 35.70
CA THR B 269 -21.41 -5.38 36.24
C THR B 269 -20.38 -4.27 36.09
N PHE B 270 -20.76 -3.24 35.40
CA PHE B 270 -19.86 -2.12 35.20
C PHE B 270 -19.97 -1.15 36.38
N GLU B 271 -18.96 -0.32 36.55
CA GLU B 271 -18.90 0.67 37.63
C GLU B 271 -20.10 1.63 37.66
N SER B 272 -20.82 1.73 36.54
CA SER B 272 -21.99 2.61 36.46
C SER B 272 -23.25 1.95 37.00
N GLY B 273 -23.22 0.63 37.07
CA GLY B 273 -24.39 -0.10 37.53
C GLY B 273 -24.95 -0.94 36.39
N LYS B 274 -24.52 -0.62 35.14
CA LYS B 274 -24.99 -1.40 34.00
C LYS B 274 -24.55 -2.85 34.20
N LYS B 275 -25.38 -3.77 33.75
CA LYS B 275 -25.06 -5.19 33.90
C LYS B 275 -25.40 -5.83 32.57
N MET B 276 -24.50 -6.65 32.05
CA MET B 276 -24.68 -7.34 30.78
C MET B 276 -24.10 -8.73 30.83
N ASP B 277 -24.63 -9.63 30.02
CA ASP B 277 -24.09 -10.99 30.01
C ASP B 277 -23.26 -11.21 28.75
N PHE B 278 -22.21 -11.97 28.89
CA PHE B 278 -21.32 -12.25 27.77
C PHE B 278 -20.88 -13.71 27.86
N ASP B 279 -20.37 -14.22 26.77
CA ASP B 279 -19.92 -15.60 26.80
C ASP B 279 -18.40 -15.62 27.00
N LEU B 280 -17.74 -14.50 26.67
CA LEU B 280 -16.30 -14.35 26.82
C LEU B 280 -15.98 -12.90 27.16
N VAL B 281 -15.06 -12.72 28.09
CA VAL B 281 -14.62 -11.41 28.54
C VAL B 281 -13.10 -11.40 28.44
N MET B 282 -12.57 -10.63 27.49
CA MET B 282 -11.15 -10.49 27.26
C MET B 282 -10.62 -9.14 27.77
N MET B 283 -9.62 -9.19 28.66
CA MET B 283 -8.97 -8.02 29.25
C MET B 283 -7.75 -7.63 28.42
N ALA B 284 -7.79 -6.45 27.80
CA ALA B 284 -6.67 -5.97 26.99
C ALA B 284 -6.42 -4.51 27.36
N ILE B 285 -6.20 -4.30 28.64
CA ILE B 285 -5.96 -2.96 29.16
C ILE B 285 -4.49 -2.58 29.28
N GLY B 286 -3.59 -3.53 29.25
CA GLY B 286 -2.19 -3.17 29.35
C GLY B 286 -1.22 -4.33 29.30
N ARG B 287 0.05 -4.03 29.10
CA ARG B 287 1.18 -4.95 29.01
C ARG B 287 2.26 -4.42 29.96
N SER B 288 2.83 -5.28 30.81
CA SER B 288 3.85 -4.81 31.74
C SER B 288 5.11 -5.65 31.58
N PRO B 289 6.31 -5.05 31.76
CA PRO B 289 7.56 -5.81 31.63
C PRO B 289 7.67 -6.93 32.65
N ARG B 290 8.21 -8.06 32.23
CA ARG B 290 8.40 -9.22 33.10
C ARG B 290 9.76 -9.05 33.77
N THR B 291 9.77 -8.46 34.95
CA THR B 291 11.06 -8.27 35.63
C THR B 291 11.24 -9.08 36.91
N LYS B 292 10.14 -9.44 37.59
CA LYS B 292 10.27 -10.17 38.85
C LYS B 292 11.01 -11.51 38.81
N ASP B 293 10.63 -12.38 37.89
CA ASP B 293 11.25 -13.70 37.76
C ASP B 293 12.72 -13.65 37.42
N LEU B 294 13.27 -12.46 37.17
CA LEU B 294 14.67 -12.33 36.83
C LEU B 294 15.57 -12.23 38.06
N GLN B 295 14.97 -12.03 39.24
CA GLN B 295 15.66 -11.89 40.53
C GLN B 295 16.76 -10.84 40.41
N LEU B 296 16.39 -9.73 39.78
CA LEU B 296 17.25 -8.57 39.50
C LEU B 296 18.01 -7.99 40.69
N GLN B 297 17.49 -8.14 41.91
CA GLN B 297 18.23 -7.58 43.02
C GLN B 297 19.53 -8.35 43.32
N ASN B 298 19.68 -9.56 42.74
CA ASN B 298 20.86 -10.40 42.91
C ASN B 298 22.09 -9.78 42.24
N ALA B 299 21.86 -8.72 41.48
CA ALA B 299 22.92 -8.00 40.81
C ALA B 299 22.73 -6.50 41.03
N GLY B 300 21.55 -6.11 41.55
CA GLY B 300 21.26 -4.72 41.80
C GLY B 300 20.94 -3.87 40.58
N VAL B 301 20.20 -4.44 39.61
CA VAL B 301 19.88 -3.60 38.46
C VAL B 301 18.63 -2.78 38.76
N MET B 302 18.72 -1.49 38.51
CA MET B 302 17.65 -0.52 38.72
C MET B 302 16.43 -0.75 37.85
N ILE B 303 15.27 -0.42 38.41
CA ILE B 303 13.92 -0.48 37.87
C ILE B 303 13.37 0.93 38.06
N LYS B 304 12.69 1.47 37.05
CA LYS B 304 12.19 2.83 37.22
C LYS B 304 10.67 2.88 37.32
N ASN B 305 9.99 2.43 36.27
CA ASN B 305 8.52 2.43 36.26
C ASN B 305 8.04 1.10 35.68
N GLY B 306 8.25 0.05 36.46
CA GLY B 306 7.85 -1.28 36.06
C GLY B 306 8.95 -1.95 35.26
N GLY B 307 9.55 -1.19 34.37
CA GLY B 307 10.62 -1.71 33.54
C GLY B 307 12.00 -1.34 34.04
N VAL B 308 13.00 -2.08 33.56
CA VAL B 308 14.41 -1.92 33.89
C VAL B 308 14.90 -0.56 33.43
N GLN B 309 15.60 0.13 34.29
CA GLN B 309 16.13 1.44 33.97
C GLN B 309 17.39 1.25 33.12
N VAL B 310 17.41 1.84 31.91
CA VAL B 310 18.51 1.80 30.95
C VAL B 310 18.73 3.18 30.35
N ASP B 311 19.93 3.41 29.80
CA ASP B 311 20.27 4.68 29.16
C ASP B 311 20.04 4.57 27.65
N GLU B 312 20.35 5.64 26.91
CA GLU B 312 20.16 5.61 25.46
C GLU B 312 20.90 4.47 24.74
N TYR B 313 21.91 3.87 25.41
CA TYR B 313 22.65 2.78 24.78
C TYR B 313 22.27 1.42 25.35
N SER B 314 21.11 1.35 26.01
CA SER B 314 20.55 0.13 26.61
C SER B 314 21.36 -0.50 27.73
N ARG B 315 22.28 0.27 28.32
CA ARG B 315 23.07 -0.27 29.42
C ARG B 315 22.30 0.04 30.71
N THR B 316 22.34 -0.88 31.67
CA THR B 316 21.67 -0.66 32.93
C THR B 316 22.65 0.02 33.89
N ASN B 317 22.40 -0.05 35.21
CA ASN B 317 23.33 0.58 36.15
C ASN B 317 24.51 -0.33 36.50
N VAL B 318 24.40 -1.61 36.14
CA VAL B 318 25.48 -2.56 36.40
C VAL B 318 26.21 -2.82 35.08
N SER B 319 27.41 -2.31 34.98
CA SER B 319 28.40 -2.34 33.91
C SER B 319 28.26 -3.38 32.80
N ASN B 320 28.05 -4.63 33.19
CA ASN B 320 27.98 -5.70 32.19
C ASN B 320 26.58 -6.23 31.91
N ILE B 321 25.55 -5.52 32.33
CA ILE B 321 24.18 -5.96 32.11
C ILE B 321 23.45 -4.91 31.28
N TYR B 322 22.78 -5.36 30.23
CA TYR B 322 22.04 -4.50 29.31
C TYR B 322 20.60 -4.99 29.19
N ALA B 323 19.71 -4.12 28.73
CA ALA B 323 18.32 -4.50 28.56
C ALA B 323 17.71 -3.83 27.34
N ILE B 324 16.97 -4.60 26.55
CA ILE B 324 16.34 -4.09 25.34
C ILE B 324 14.92 -4.67 25.20
N GLY B 325 14.13 -4.06 24.33
CA GLY B 325 12.77 -4.53 24.10
C GLY B 325 11.71 -3.98 25.02
N ASP B 326 10.62 -4.72 25.18
CA ASP B 326 9.49 -4.36 26.01
C ASP B 326 9.87 -4.18 27.48
N VAL B 327 10.84 -4.98 27.99
CA VAL B 327 11.26 -4.89 29.39
C VAL B 327 11.75 -3.51 29.82
N THR B 328 12.10 -2.64 28.84
CA THR B 328 12.60 -1.29 29.10
C THR B 328 11.48 -0.24 29.09
N ASN B 329 10.29 -0.65 28.66
CA ASN B 329 9.09 0.19 28.61
C ASN B 329 9.22 1.47 27.78
N ARG B 330 9.99 1.42 26.65
CA ARG B 330 10.20 2.54 25.73
C ARG B 330 9.12 2.52 24.64
N VAL B 331 9.36 1.78 23.55
CA VAL B 331 8.39 1.67 22.45
C VAL B 331 8.20 0.17 22.21
N MET B 332 7.06 -0.37 22.65
CA MET B 332 6.79 -1.80 22.51
C MET B 332 6.31 -2.27 21.14
N LEU B 333 7.26 -2.47 20.23
CA LEU B 333 7.08 -2.92 18.86
C LEU B 333 8.27 -3.81 18.49
N THR B 334 8.06 -4.79 17.62
CA THR B 334 9.14 -5.69 17.20
C THR B 334 10.30 -5.05 16.44
N PRO B 335 10.02 -4.21 15.44
CA PRO B 335 11.15 -3.60 14.72
C PRO B 335 12.02 -2.76 15.66
N VAL B 336 11.39 -2.09 16.61
CA VAL B 336 12.19 -1.30 17.53
C VAL B 336 13.12 -2.18 18.36
N ALA B 337 12.57 -3.27 18.93
CA ALA B 337 13.35 -4.19 19.75
C ALA B 337 14.53 -4.75 18.96
N ILE B 338 14.30 -5.03 17.67
CA ILE B 338 15.33 -5.56 16.78
C ILE B 338 16.44 -4.55 16.56
N ASN B 339 16.06 -3.29 16.39
CA ASN B 339 17.03 -2.22 16.15
C ASN B 339 17.93 -2.04 17.37
N GLU B 340 17.33 -2.00 18.57
CA GLU B 340 18.04 -1.85 19.83
C GLU B 340 19.03 -2.97 20.04
N ALA B 341 18.63 -4.19 19.64
CA ALA B 341 19.48 -5.37 19.78
C ALA B 341 20.76 -5.21 18.96
N ALA B 342 20.61 -4.91 17.67
CA ALA B 342 21.77 -4.74 16.79
C ALA B 342 22.69 -3.62 17.26
N ALA B 343 22.09 -2.49 17.69
CA ALA B 343 22.87 -1.35 18.18
C ALA B 343 23.63 -1.71 19.45
N LEU B 344 22.99 -2.48 20.35
CA LEU B 344 23.62 -2.90 21.60
C LEU B 344 24.83 -3.78 21.29
N VAL B 345 24.63 -4.79 20.44
CA VAL B 345 25.72 -5.70 20.06
C VAL B 345 26.91 -4.94 19.50
N ASP B 346 26.65 -3.89 18.71
CA ASP B 346 27.73 -3.09 18.17
C ASP B 346 28.45 -2.32 19.27
N THR B 347 27.70 -1.61 20.09
CA THR B 347 28.26 -0.83 21.20
C THR B 347 29.08 -1.68 22.19
N VAL B 348 28.80 -2.99 22.25
CA VAL B 348 29.50 -3.87 23.18
C VAL B 348 30.62 -4.70 22.57
N PHE B 349 30.40 -5.20 21.38
CA PHE B 349 31.41 -6.03 20.74
C PHE B 349 32.00 -5.37 19.49
N GLY B 350 31.68 -4.11 19.29
CA GLY B 350 32.18 -3.42 18.10
C GLY B 350 32.80 -2.08 18.42
N THR B 351 33.45 -1.53 17.42
CA THR B 351 34.16 -0.26 17.41
C THR B 351 33.26 0.95 17.53
N THR B 352 32.09 0.85 16.93
CA THR B 352 31.13 1.92 16.90
C THR B 352 29.97 1.80 17.88
N PRO B 353 29.81 2.79 18.77
CA PRO B 353 28.72 2.79 19.75
C PRO B 353 27.58 3.20 18.81
N ARG B 354 26.42 2.60 19.01
CA ARG B 354 25.28 2.92 18.16
C ARG B 354 24.00 2.82 19.00
N LYS B 355 23.09 3.77 18.82
CA LYS B 355 21.83 3.78 19.55
C LYS B 355 20.63 3.92 18.61
N THR B 356 19.47 3.52 19.10
CA THR B 356 18.19 3.55 18.39
C THR B 356 17.47 4.89 18.53
N ASP B 357 17.05 5.41 17.38
CA ASP B 357 16.31 6.66 17.33
C ASP B 357 14.86 6.25 17.55
N HIS B 358 14.34 6.59 18.69
CA HIS B 358 12.98 6.22 19.00
C HIS B 358 11.93 7.19 18.50
N THR B 359 12.36 8.16 17.71
CA THR B 359 11.38 9.11 17.20
C THR B 359 11.11 8.83 15.74
N ARG B 360 9.97 9.31 15.27
CA ARG B 360 9.49 9.19 13.90
C ARG B 360 9.38 7.75 13.41
N VAL B 361 9.07 6.84 14.33
CA VAL B 361 8.91 5.42 14.02
C VAL B 361 7.48 5.23 13.52
N ALA B 362 7.32 4.62 12.36
CA ALA B 362 6.01 4.38 11.76
C ALA B 362 5.41 3.12 12.37
N SER B 363 4.08 3.08 12.43
CA SER B 363 3.41 1.92 12.99
C SER B 363 1.98 1.78 12.47
N ALA B 364 1.40 0.62 12.70
CA ALA B 364 0.04 0.43 12.21
C ALA B 364 -0.83 -0.27 13.23
N VAL B 365 -2.12 -0.20 13.01
CA VAL B 365 -3.19 -0.80 13.79
C VAL B 365 -3.97 -1.61 12.75
N PHE B 366 -3.91 -2.92 12.86
CA PHE B 366 -4.63 -3.69 11.86
C PHE B 366 -6.11 -3.92 12.18
N SER B 367 -6.84 -2.82 12.26
CA SER B 367 -8.27 -2.82 12.49
C SER B 367 -8.91 -2.83 11.11
N ILE B 368 -10.23 -2.88 11.05
CA ILE B 368 -10.88 -2.87 9.73
C ILE B 368 -11.79 -1.65 9.64
N PRO B 369 -11.40 -0.62 8.85
CA PRO B 369 -10.18 -0.50 8.04
C PRO B 369 -9.01 -0.16 8.95
N PRO B 370 -7.79 -0.44 8.48
CA PRO B 370 -6.56 -0.18 9.24
C PRO B 370 -6.08 1.26 9.31
N ILE B 371 -5.13 1.49 10.22
CA ILE B 371 -4.48 2.76 10.48
C ILE B 371 -2.97 2.65 10.31
N GLY B 372 -2.37 3.71 9.80
CA GLY B 372 -0.94 3.80 9.60
C GLY B 372 -0.54 5.16 10.12
N THR B 373 0.51 5.23 10.91
CA THR B 373 0.87 6.55 11.42
C THR B 373 2.38 6.70 11.65
N CYS B 374 2.85 7.92 11.52
CA CYS B 374 4.25 8.23 11.74
C CYS B 374 4.36 9.68 12.16
N GLY B 375 5.16 9.95 13.15
CA GLY B 375 5.32 11.32 13.61
C GLY B 375 4.30 11.71 14.67
N LEU B 376 4.34 12.96 15.03
CA LEU B 376 3.55 13.65 16.04
C LEU B 376 2.10 13.92 15.67
N ILE B 377 1.25 14.01 16.69
CA ILE B 377 -0.16 14.32 16.54
C ILE B 377 -0.23 15.82 16.85
N GLU B 378 -1.21 16.53 16.30
CA GLU B 378 -1.29 17.97 16.52
C GLU B 378 -1.37 18.39 17.98
N GLU B 379 -1.95 17.56 18.84
CA GLU B 379 -2.03 17.91 20.26
C GLU B 379 -0.63 18.10 20.84
N VAL B 380 0.32 17.31 20.36
CA VAL B 380 1.71 17.37 20.80
C VAL B 380 2.48 18.50 20.11
N ALA B 381 2.43 18.49 18.79
CA ALA B 381 3.13 19.47 17.96
C ALA B 381 2.83 20.93 18.33
N SER B 382 1.56 21.24 18.63
CA SER B 382 1.27 22.62 18.97
C SER B 382 1.84 23.04 20.33
N LYS B 383 2.28 22.07 21.11
CA LYS B 383 2.88 22.41 22.41
C LYS B 383 4.37 22.57 22.23
N ARG B 384 4.95 21.84 21.27
CA ARG B 384 6.39 21.96 21.05
C ARG B 384 6.71 23.00 19.98
N TYR B 385 5.68 23.48 19.26
CA TYR B 385 5.88 24.46 18.21
C TYR B 385 4.88 25.61 18.30
N GLU B 386 5.35 26.82 17.94
CA GLU B 386 4.49 28.01 17.98
C GLU B 386 3.57 28.10 16.77
N VAL B 387 4.06 27.70 15.56
CA VAL B 387 3.19 27.75 14.39
C VAL B 387 3.11 26.38 13.71
N VAL B 388 1.94 25.74 13.84
CA VAL B 388 1.66 24.41 13.29
C VAL B 388 0.55 24.53 12.24
N ALA B 389 0.69 23.82 11.10
CA ALA B 389 -0.29 23.81 10.01
C ALA B 389 -0.87 22.41 9.89
N VAL B 390 -2.18 22.31 9.69
CA VAL B 390 -2.79 20.99 9.57
C VAL B 390 -3.48 20.89 8.22
N TYR B 391 -3.12 19.86 7.44
CA TYR B 391 -3.63 19.55 6.09
C TYR B 391 -4.49 18.31 6.22
N LEU B 392 -5.76 18.42 5.90
CA LEU B 392 -6.65 17.28 6.02
C LEU B 392 -7.31 16.93 4.69
N SER B 393 -7.53 15.66 4.47
CA SER B 393 -8.18 15.14 3.27
C SER B 393 -9.03 13.95 3.69
N SER B 394 -10.33 14.02 3.42
CA SER B 394 -11.26 12.95 3.73
C SER B 394 -11.98 12.64 2.42
N PHE B 395 -12.14 11.37 2.07
CA PHE B 395 -12.81 11.09 0.82
C PHE B 395 -13.18 9.61 0.73
N THR B 396 -14.27 9.30 0.03
CA THR B 396 -14.67 7.92 -0.15
C THR B 396 -13.93 7.44 -1.39
N PRO B 397 -13.05 6.42 -1.26
CA PRO B 397 -12.31 5.92 -2.42
C PRO B 397 -13.24 5.51 -3.55
N LEU B 398 -12.66 5.42 -4.74
CA LEU B 398 -13.35 5.05 -5.98
C LEU B 398 -14.11 3.73 -5.80
N MET B 399 -13.36 2.70 -5.42
CA MET B 399 -13.99 1.39 -5.23
C MET B 399 -15.10 1.37 -4.20
N HIS B 400 -15.06 2.25 -3.20
CA HIS B 400 -16.13 2.16 -2.23
C HIS B 400 -17.42 2.83 -2.63
N LYS B 401 -17.38 3.56 -3.72
CA LYS B 401 -18.57 4.20 -4.25
C LYS B 401 -19.40 3.03 -4.79
N VAL B 402 -18.73 2.16 -5.56
CA VAL B 402 -19.32 0.99 -6.21
C VAL B 402 -19.43 -0.29 -5.37
N SER B 403 -18.57 -0.45 -4.36
CA SER B 403 -18.67 -1.68 -3.58
C SER B 403 -19.90 -1.74 -2.66
N GLY B 404 -20.42 -0.57 -2.28
CA GLY B 404 -21.57 -0.52 -1.40
C GLY B 404 -21.21 -0.03 -0.01
N SER B 405 -19.93 -0.15 0.35
CA SER B 405 -19.46 0.30 1.66
C SER B 405 -19.18 1.79 1.64
N LYS B 406 -20.21 2.59 1.33
CA LYS B 406 -20.08 4.05 1.25
C LYS B 406 -19.67 4.74 2.55
N TYR B 407 -19.72 4.03 3.65
CA TYR B 407 -19.32 4.66 4.91
C TYR B 407 -17.80 4.64 5.10
N LYS B 408 -17.10 3.85 4.30
CA LYS B 408 -15.66 3.77 4.46
C LYS B 408 -14.91 4.98 3.93
N THR B 409 -14.86 6.01 4.74
CA THR B 409 -14.17 7.24 4.38
C THR B 409 -12.67 7.09 4.65
N PHE B 410 -11.86 7.49 3.67
CA PHE B 410 -10.39 7.46 3.78
C PHE B 410 -9.97 8.82 4.33
N VAL B 411 -9.12 8.80 5.33
CA VAL B 411 -8.64 10.03 5.93
C VAL B 411 -7.12 10.10 5.91
N ALA B 412 -6.61 11.22 5.47
CA ALA B 412 -5.19 11.50 5.37
C ALA B 412 -4.97 12.85 6.03
N LYS B 413 -4.06 12.90 6.99
CA LYS B 413 -3.76 14.15 7.69
C LYS B 413 -2.25 14.33 7.79
N ILE B 414 -1.77 15.53 7.43
CA ILE B 414 -0.36 15.90 7.47
C ILE B 414 -0.22 17.12 8.36
N ILE B 415 0.67 17.03 9.34
CA ILE B 415 1.00 18.03 10.35
C ILE B 415 2.37 18.63 10.06
N THR B 416 2.47 19.95 9.97
CA THR B 416 3.80 20.47 9.69
C THR B 416 4.17 21.65 10.58
N ASN B 417 5.46 21.95 10.63
CA ASN B 417 5.99 23.07 11.36
C ASN B 417 5.93 24.16 10.30
N HIS B 418 4.89 24.96 10.36
CA HIS B 418 4.64 26.03 9.40
C HIS B 418 5.74 27.08 9.24
N SER B 419 6.68 27.13 10.17
CA SER B 419 7.75 28.11 10.03
C SER B 419 8.74 27.70 8.94
N ASP B 420 8.87 26.38 8.69
CA ASP B 420 9.79 25.95 7.64
C ASP B 420 9.19 24.89 6.71
N GLY B 421 8.00 24.43 7.02
CA GLY B 421 7.36 23.43 6.19
C GLY B 421 7.69 21.99 6.53
N THR B 422 8.51 21.76 7.55
CA THR B 422 8.87 20.40 7.94
C THR B 422 7.66 19.58 8.39
N VAL B 423 7.53 18.38 7.85
CA VAL B 423 6.45 17.44 8.15
C VAL B 423 6.71 16.80 9.52
N LEU B 424 5.85 17.09 10.47
CA LEU B 424 5.95 16.57 11.83
C LEU B 424 5.26 15.23 12.00
N GLY B 425 4.23 14.97 11.21
CA GLY B 425 3.53 13.72 11.32
C GLY B 425 2.54 13.53 10.18
N VAL B 426 2.28 12.27 9.83
CA VAL B 426 1.35 11.82 8.80
C VAL B 426 0.51 10.70 9.42
N HIS B 427 -0.82 10.85 9.38
CA HIS B 427 -1.75 9.90 9.95
C HIS B 427 -2.77 9.50 8.89
N LEU B 428 -2.96 8.19 8.74
CA LEU B 428 -3.88 7.66 7.73
C LEU B 428 -4.85 6.62 8.29
N LEU B 429 -6.05 6.58 7.70
CA LEU B 429 -7.13 5.66 8.00
C LEU B 429 -7.70 5.22 6.66
N GLY B 430 -7.69 3.94 6.40
CA GLY B 430 -8.22 3.43 5.16
C GLY B 430 -7.46 2.19 4.74
N ASP B 431 -8.06 1.44 3.83
CA ASP B 431 -7.43 0.21 3.35
C ASP B 431 -6.02 0.48 2.87
N ASN B 432 -5.10 -0.40 3.22
CA ASN B 432 -3.69 -0.38 2.89
C ASN B 432 -2.89 0.70 3.60
N ALA B 433 -3.47 1.33 4.61
CA ALA B 433 -2.73 2.37 5.34
C ALA B 433 -1.39 1.86 5.89
N PRO B 434 -1.33 0.61 6.39
CA PRO B 434 -0.04 0.11 6.91
C PRO B 434 1.09 0.04 5.87
N GLU B 435 0.74 -0.31 4.62
CA GLU B 435 1.69 -0.42 3.51
C GLU B 435 2.14 0.97 3.02
N ILE B 436 1.21 1.93 3.01
CA ILE B 436 1.50 3.29 2.54
C ILE B 436 2.44 4.06 3.49
N ILE B 437 2.20 3.93 4.79
CA ILE B 437 3.00 4.65 5.79
C ILE B 437 4.49 4.31 5.80
N GLN B 438 4.86 3.08 5.45
CA GLN B 438 6.29 2.74 5.49
C GLN B 438 7.17 3.71 4.71
N GLY B 439 6.84 3.94 3.44
CA GLY B 439 7.59 4.84 2.59
C GLY B 439 7.66 6.26 3.12
N ILE B 440 6.57 6.73 3.76
CA ILE B 440 6.67 8.10 4.24
C ILE B 440 7.52 8.11 5.51
N GLY B 441 7.62 6.96 6.18
CA GLY B 441 8.45 6.86 7.37
C GLY B 441 9.87 7.24 7.00
N ILE B 442 10.30 6.83 5.81
CA ILE B 442 11.65 7.15 5.35
C ILE B 442 11.73 8.66 5.13
N CYS B 443 10.68 9.25 4.53
CA CYS B 443 10.61 10.69 4.25
C CYS B 443 10.87 11.53 5.49
N LEU B 444 10.27 11.14 6.62
CA LEU B 444 10.48 11.88 7.85
C LEU B 444 11.92 11.78 8.36
N LYS B 445 12.58 10.64 8.11
CA LYS B 445 13.97 10.48 8.52
C LYS B 445 14.87 11.38 7.66
N LEU B 446 14.38 11.71 6.47
CA LEU B 446 15.07 12.58 5.53
C LEU B 446 14.62 14.04 5.73
N ASN B 447 13.82 14.28 6.77
CA ASN B 447 13.27 15.60 7.11
C ASN B 447 12.57 16.27 5.94
N ALA B 448 11.63 15.57 5.34
CA ALA B 448 10.95 16.18 4.21
C ALA B 448 10.02 17.29 4.67
N LYS B 449 9.80 18.21 3.78
CA LYS B 449 8.93 19.36 3.95
C LYS B 449 7.67 19.10 3.14
N ILE B 450 6.58 19.83 3.43
CA ILE B 450 5.34 19.63 2.68
C ILE B 450 5.54 19.84 1.17
N SER B 451 6.46 20.73 0.80
CA SER B 451 6.70 20.98 -0.62
C SER B 451 7.30 19.74 -1.29
N ASP B 452 8.01 18.91 -0.50
CA ASP B 452 8.58 17.71 -1.10
C ASP B 452 7.47 16.73 -1.46
N PHE B 453 6.37 16.76 -0.72
CA PHE B 453 5.22 15.90 -0.99
C PHE B 453 4.45 16.39 -2.22
N TYR B 454 3.95 17.66 -2.18
CA TYR B 454 3.19 18.06 -3.36
C TYR B 454 3.97 18.31 -4.64
N ASN B 455 5.29 18.21 -4.57
CA ASN B 455 6.06 18.40 -5.79
C ASN B 455 6.39 17.05 -6.45
N THR B 456 5.98 15.97 -5.79
CA THR B 456 6.16 14.62 -6.30
C THR B 456 4.97 14.30 -7.21
N ILE B 457 5.22 13.69 -8.37
CA ILE B 457 4.12 13.34 -9.26
C ILE B 457 3.47 12.08 -8.72
N GLY B 458 2.15 12.09 -8.67
CA GLY B 458 1.43 10.95 -8.14
C GLY B 458 1.26 9.75 -9.05
N VAL B 459 0.94 8.59 -8.45
CA VAL B 459 0.67 7.30 -9.04
C VAL B 459 -0.85 7.32 -9.15
N HIS B 460 -1.36 7.17 -10.34
CA HIS B 460 -2.80 7.28 -10.48
C HIS B 460 -3.41 6.10 -11.22
N PRO B 461 -4.51 5.50 -10.71
CA PRO B 461 -5.24 5.84 -9.48
C PRO B 461 -4.87 5.07 -8.21
N THR B 462 -4.62 5.79 -7.11
CA THR B 462 -4.28 5.16 -5.84
C THR B 462 -4.77 6.03 -4.67
N SER B 463 -4.79 5.47 -3.45
CA SER B 463 -5.18 6.24 -2.27
C SER B 463 -4.00 7.11 -1.85
N ALA B 464 -2.79 6.56 -1.98
CA ALA B 464 -1.54 7.22 -1.63
C ALA B 464 -1.24 8.53 -2.36
N GLU B 465 -1.75 8.69 -3.59
CA GLU B 465 -1.47 9.94 -4.30
C GLU B 465 -2.07 11.18 -3.64
N GLU B 466 -3.06 10.97 -2.77
CA GLU B 466 -3.71 12.08 -2.08
C GLU B 466 -2.73 12.85 -1.21
N LEU B 467 -1.66 12.19 -0.81
CA LEU B 467 -0.59 12.76 0.01
C LEU B 467 0.26 13.73 -0.80
N CYS B 468 0.16 13.65 -2.13
CA CYS B 468 0.90 14.52 -3.05
C CYS B 468 0.01 15.63 -3.62
N SER B 469 -1.23 15.69 -3.13
CA SER B 469 -2.20 16.68 -3.58
C SER B 469 -2.66 17.61 -2.44
N MET B 470 -1.99 17.53 -1.29
CA MET B 470 -2.39 18.41 -0.19
C MET B 470 -1.41 19.58 -0.17
N ARG B 471 -1.89 20.74 -0.52
CA ARG B 471 -0.97 21.86 -0.52
C ARG B 471 -1.44 23.09 0.27
N THR B 472 -2.71 23.11 0.65
CA THR B 472 -3.26 24.22 1.41
C THR B 472 -3.76 23.76 2.77
N PRO B 473 -3.24 24.34 3.87
CA PRO B 473 -3.67 23.94 5.21
C PRO B 473 -5.16 24.18 5.46
N SER B 474 -5.76 23.34 6.29
CA SER B 474 -7.17 23.47 6.62
C SER B 474 -7.32 24.49 7.76
N TYR B 475 -6.36 24.47 8.68
CA TYR B 475 -6.28 25.36 9.84
C TYR B 475 -4.88 25.28 10.43
N TYR B 476 -4.59 26.18 11.34
CA TYR B 476 -3.29 26.28 11.99
C TYR B 476 -3.45 26.28 13.50
N TYR B 477 -2.33 26.28 14.19
CA TYR B 477 -2.20 26.33 15.63
C TYR B 477 -1.12 27.36 15.93
N VAL B 478 -1.53 28.52 16.40
CA VAL B 478 -0.60 29.60 16.73
C VAL B 478 -0.52 29.68 18.26
N LYS B 479 0.62 29.28 18.84
CA LYS B 479 0.77 29.32 20.30
C LYS B 479 -0.36 28.54 20.98
N GLY B 480 -0.63 27.35 20.47
CA GLY B 480 -1.68 26.51 21.03
C GLY B 480 -3.11 26.89 20.65
N GLU B 481 -3.28 28.06 20.03
CA GLU B 481 -4.63 28.48 19.64
C GLU B 481 -4.94 28.03 18.22
N LYS B 482 -6.18 27.62 17.97
CA LYS B 482 -6.54 27.23 16.62
C LYS B 482 -6.93 28.50 15.87
N MET B 483 -6.42 28.66 14.67
CA MET B 483 -6.73 29.84 13.87
C MET B 483 -6.89 29.46 12.40
N GLU B 484 -7.71 30.20 11.67
CA GLU B 484 -7.94 29.93 10.26
C GLU B 484 -7.77 31.19 9.43
N LYS B 485 -7.24 31.06 8.20
CA LYS B 485 -7.09 32.25 7.36
C LYS B 485 -8.48 32.67 6.93
N PRO B 486 -8.81 33.96 7.05
CA PRO B 486 -10.12 34.50 6.66
C PRO B 486 -10.70 34.32 5.27
PA FAD C . -6.70 13.23 -22.85
O1A FAD C . -6.65 12.02 -23.72
O2A FAD C . -7.20 13.05 -21.46
O5B FAD C . -7.66 14.27 -23.52
C5B FAD C . -7.58 14.50 -24.91
C4B FAD C . -8.92 15.01 -25.36
O4B FAD C . -8.85 15.57 -26.66
C3B FAD C . -9.95 13.88 -25.46
O3B FAD C . -11.02 14.16 -24.54
C2B FAD C . -10.36 13.98 -26.96
O2B FAD C . -11.74 13.64 -27.21
C1B FAD C . -10.11 15.42 -27.29
N9A FAD C . -10.00 15.69 -28.72
C8A FAD C . -9.12 15.09 -29.58
N7A FAD C . -8.95 15.72 -30.69
C5A FAD C . -9.83 16.77 -30.62
C6A FAD C . -10.07 17.84 -31.49
N6A FAD C . -9.41 17.98 -32.64
N1A FAD C . -11.00 18.73 -31.11
C2A FAD C . -11.53 18.63 -29.90
N3A FAD C . -11.33 17.72 -28.98
C4A FAD C . -10.47 16.79 -29.42
N1 FAD C . -2.60 6.87 -17.03
C2 FAD C . -2.29 6.80 -15.65
O2 FAD C . -1.68 7.71 -15.09
N3 FAD C . -2.72 5.71 -14.93
C4 FAD C . -3.49 4.69 -15.48
O4 FAD C . -4.03 3.87 -14.73
C4X FAD C . -3.68 4.73 -16.97
N5 FAD C . -4.39 3.80 -17.59
C5X FAD C . -4.73 3.91 -18.85
C6 FAD C . -5.44 2.87 -19.49
C7 FAD C . -5.83 2.97 -20.79
C7M FAD C . -6.77 1.90 -21.40
C8 FAD C . -5.48 4.14 -21.54
C8M FAD C . -6.15 4.40 -22.87
C9 FAD C . -4.72 5.10 -20.98
C9A FAD C . -4.35 5.06 -19.60
N10 FAD C . -3.61 6.03 -18.98
C10 FAD C . -3.24 5.88 -17.69
C1' FAD C . -3.13 7.23 -19.77
C2' FAD C . -3.83 8.50 -19.50
O2' FAD C . -5.18 8.22 -19.85
C3' FAD C . -3.35 9.62 -20.35
O3' FAD C . -1.95 9.68 -20.17
C4' FAD C . -3.96 10.95 -20.04
O4' FAD C . -5.33 10.86 -20.40
C5' FAD C . -3.40 12.05 -20.91
O5' FAD C . -3.99 13.34 -20.66
P FAD C . -4.13 14.33 -21.92
O1P FAD C . -4.52 15.65 -21.39
O2P FAD C . -2.89 14.25 -22.71
O3P FAD C . -5.20 13.74 -22.90
C1 GCG D . -4.17 15.81 -9.17
CA1 GCG D . -4.03 14.49 -9.96
O11 GCG D . -3.16 16.28 -8.63
O21 GCG D . -5.27 16.36 -9.12
CB1 GCG D . -4.61 13.29 -9.16
N1 GCG D . -2.56 14.32 -10.14
CG1 GCG D . -6.14 13.15 -9.22
CD1 GCG D . -6.65 13.08 -10.64
OD1 GCG D . -6.21 12.23 -11.42
N2 GCG D . -7.54 13.96 -10.97
CA2 GCG D . -8.13 14.10 -12.31
C2 GCG D . -8.09 15.59 -12.62
O2 GCG D . -8.44 16.39 -11.76
CB2 GCG D . -9.58 13.59 -12.29
SG2 GCG D . -9.94 12.03 -13.23
N3 GCG D . -7.66 15.94 -13.84
CA3 GCG D . -7.55 17.33 -14.23
C3 GCG D . -8.75 18.21 -13.93
O3 GCG D . -9.90 17.76 -14.01
N1S GCG D . -8.48 19.49 -13.61
C2S GCG D . -9.49 20.50 -13.30
C3S GCG D . -9.60 20.87 -11.82
C4S GCG D . -10.76 20.13 -11.16
C5S GCG D . -10.57 18.63 -10.87
C7S GCG D . -13.07 18.46 -10.74
N6S GCG D . -11.79 17.84 -11.08
C8S GCG D . -14.31 17.56 -10.90
C9S GCG D . -14.41 16.56 -9.75
N11 GCG D . -14.27 15.15 -10.07
C5 GCG D . -13.10 14.55 -10.42
N5 GCG D . -11.83 12.52 -10.51
CA5 GCG D . -13.16 13.06 -10.69
O5 GCG D . -12.04 15.17 -10.52
C6 GCG D . -11.62 11.28 -10.07
N6 GCG D . -9.77 10.57 -8.59
CA6 GCG D . -10.16 10.88 -9.96
O6 GCG D . -12.53 10.50 -9.72
CB6 GCG D . -9.87 9.75 -10.93
SG6 GCG D . -9.09 10.33 -12.51
CD7 GCG D . -8.61 10.03 -8.14
C7 GCG D . -8.58 6.26 -5.28
CA7 GCG D . -9.09 7.64 -5.66
O17 GCG D . -8.58 5.97 -4.07
O27 GCG D . -8.23 5.47 -6.15
CB7 GCG D . -7.99 8.49 -6.22
N7 GCG D . -9.66 8.31 -4.46
CG7 GCG D . -8.47 9.87 -6.64
OD7 GCG D . -7.73 9.62 -8.89
C1 GCG E . 12.69 -4.29 11.23
CA1 GCG E . 11.51 -5.20 10.87
O11 GCG E . 12.58 -3.10 10.93
O21 GCG E . 13.70 -4.74 11.76
CB1 GCG E . 11.63 -6.59 11.61
N1 GCG E . 11.77 -5.35 9.42
CG1 GCG E . 10.68 -7.70 11.06
CD1 GCG E . 10.67 -8.99 11.90
OD1 GCG E . 9.94 -9.07 12.90
N2 GCG E . 11.43 -10.01 11.50
CA2 GCG E . 11.49 -11.26 12.27
C2 GCG E . 12.92 -11.46 12.75
O2 GCG E . 13.82 -11.70 11.92
CB2 GCG E . 11.05 -12.44 11.40
SG2 GCG E . 9.76 -13.52 12.14
N3 GCG E . 13.14 -11.36 14.08
CA3 GCG E . 14.48 -11.51 14.65
C3 GCG E . 15.21 -12.79 14.31
O3 GCG E . 14.61 -13.76 13.84
N1S GCG E . 16.54 -12.80 14.53
C2S GCG E . 17.41 -13.95 14.29
C3S GCG E . 18.25 -14.02 13.00
C4S GCG E . 17.70 -14.15 11.57
C5S GCG E . 16.79 -15.34 11.22
C7S GCG E . 14.46 -15.80 10.75
N6S GCG E . 15.41 -15.15 11.64
C8S GCG E . 14.26 -17.32 10.92
C9S GCG E . 13.36 -17.94 9.80
N11 GCG E . 11.92 -17.74 9.79
C5 GCG E . 11.32 -16.56 9.49
N5 GCG E . 9.49 -15.12 9.60
CA5 GCG E . 9.80 -16.53 9.52
O5 GCG E . 11.94 -15.53 9.24
C6 GCG E . 8.41 -14.57 9.06
N6 GCG E . 8.17 -12.32 8.03
CA6 GCG E . 8.34 -13.07 9.27
O6 GCG E . 7.55 -15.20 8.45
CB6 GCG E . 7.29 -12.75 10.28
SG6 GCG E . 8.00 -12.52 11.95
CD7 GCG E . 8.61 -11.05 8.02
C7 GCG E . 4.97 -10.22 5.13
CA7 GCG E . 6.19 -10.88 5.77
O17 GCG E . 4.54 -9.17 5.58
O27 GCG E . 4.46 -10.78 4.15
CB7 GCG E . 7.08 -9.80 6.40
N7 GCG E . 6.88 -11.52 4.63
CG7 GCG E . 8.48 -10.28 6.71
OD7 GCG E . 9.08 -10.50 9.01
PA FAD F . 9.62 -11.03 23.29
O1A FAD F . 8.48 -10.77 24.21
O2A FAD F . 9.27 -11.43 21.91
O5B FAD F . 10.57 -12.14 23.91
C5B FAD F . 10.58 -12.34 25.32
C4B FAD F . 10.85 -13.79 25.64
O4B FAD F . 11.32 -13.90 26.98
C3B FAD F . 9.58 -14.63 25.57
O3B FAD F . 9.73 -15.70 24.64
C2B FAD F . 9.42 -15.18 27.01
O2B FAD F . 8.99 -16.56 27.04
C1B FAD F . 10.83 -15.11 27.57
N9A FAD F . 10.90 -15.18 29.06
C8A FAD F . 10.37 -14.30 29.97
N7A FAD F . 10.98 -14.26 31.12
C5A FAD F . 11.96 -15.24 30.99
C6A FAD F . 12.86 -15.75 31.90
N6A FAD F . 13.08 -15.19 33.09
N1A FAD F . 13.53 -16.86 31.54
C2A FAD F . 13.35 -17.37 30.33
N3A FAD F . 12.54 -16.97 29.38
C4A FAD F . 11.87 -15.86 29.77
N1 FAD F . 4.45 -5.46 17.55
C2 FAD F . 4.60 -4.99 16.25
O2 FAD F . 5.62 -4.39 15.91
N3 FAD F . 3.62 -5.24 15.33
C4 FAD F . 2.49 -5.94 15.62
O4 FAD F . 1.72 -6.23 14.71
C4X FAD F . 2.32 -6.35 17.07
N5 FAD F . 1.22 -6.97 17.48
C5X FAD F . 1.10 -7.41 18.72
C6 FAD F . -0.06 -8.08 19.11
C7 FAD F . -0.20 -8.60 20.35
C7M FAD F . -1.49 -9.29 20.77
C8 FAD F . 0.90 -8.49 21.27
C8M FAD F . 0.82 -9.20 22.59
C9 FAD F . 2.03 -7.84 20.92
C9A FAD F . 2.18 -7.27 19.65
N10 FAD F . 3.31 -6.62 19.24
C10 FAD F . 3.39 -6.14 17.97
C1' FAD F . 4.39 -6.33 20.29
C2' FAD F . 5.62 -7.20 20.08
O2' FAD F . 5.19 -8.56 20.08
C3' FAD F . 6.72 -7.00 21.10
O3' FAD F . 7.00 -5.61 21.09
C4' FAD F . 8.01 -7.75 20.82
O4' FAD F . 7.75 -9.16 20.92
C5' FAD F . 9.04 -7.49 21.86
O5' FAD F . 10.21 -8.28 21.66
P FAD F . 11.06 -8.62 22.98
O1P FAD F . 12.24 -9.42 22.60
O2P FAD F . 11.24 -7.37 23.76
O3P FAD F . 10.07 -9.58 23.72
#